data_3OQL
#
_entry.id   3OQL
#
_cell.length_a   67.339
_cell.length_b   67.339
_cell.length_c   479.130
_cell.angle_alpha   90.000
_cell.angle_beta   90.000
_cell.angle_gamma   90.000
#
_symmetry.space_group_name_H-M   'P 41 2 2'
#
loop_
_entity.id
_entity.type
_entity.pdbx_description
1 polymer 'TenA homolog'
2 water water
#
_entity_poly.entity_id   1
_entity_poly.type   'polypeptide(L)'
_entity_poly.pdbx_seq_one_letter_code
;G(MSE)IDTFERTGPL(MSE)EASSYPAWAQQLINDCSPAKARVVEHELYQQ(MSE)RDAKLSPQI(MSE)RQYLIGGWP
VVEQFAVY(MSE)AKNLTKTRFGRHPGED(MSE)ARRWL(MSE)RNIRVELNHADYWVNWCAAHDVTLEDLHDQRVAPEL
HALSHWCWQTSSSDSLAVA(MSE)AATNYAIEGATGEWSAVVCSTGVYAEAFAEETRKKS(MSE)KWLK(MSE)HAQYDD
AHPWEALEIICTLVGNKPSLQLQAELRQAVTKSYDY(MSE)YLFLERCIQLDKVKSPRGRVAALE(MSE)
;
_entity_poly.pdbx_strand_id   A,B,C,D
#
# COMPACT_ATOMS: atom_id res chain seq x y z
N ASP A 4 13.80 -2.76 28.01
CA ASP A 4 13.85 -4.20 28.29
C ASP A 4 12.60 -4.95 27.77
N THR A 5 12.70 -6.29 27.62
CA THR A 5 11.68 -7.19 27.06
C THR A 5 10.53 -7.46 28.04
N PHE A 6 9.28 -7.48 27.54
CA PHE A 6 8.10 -7.78 28.35
C PHE A 6 7.62 -9.22 28.15
N GLU A 7 7.28 -9.86 29.26
CA GLU A 7 6.74 -11.20 29.32
C GLU A 7 5.66 -11.20 30.40
N ARG A 8 4.38 -11.42 29.99
CA ARG A 8 3.24 -11.44 30.92
C ARG A 8 3.33 -12.63 31.86
N THR A 9 3.21 -12.37 33.15
CA THR A 9 3.27 -13.39 34.21
C THR A 9 1.89 -13.52 34.85
N GLY A 10 1.29 -12.37 35.21
CA GLY A 10 -0.02 -12.27 35.86
C GLY A 10 -1.19 -12.56 34.93
N PRO A 11 -2.42 -12.57 35.49
CA PRO A 11 -3.61 -12.90 34.67
C PRO A 11 -3.81 -11.91 33.52
N LEU A 12 -4.21 -12.46 32.36
CA LEU A 12 -4.41 -11.74 31.11
C LEU A 12 -5.37 -10.55 31.22
N GLU A 14 -6.11 -8.44 33.80
CA GLU A 14 -5.84 -7.50 34.89
C GLU A 14 -4.80 -6.52 34.46
N ALA A 15 -5.11 -5.21 34.59
CA ALA A 15 -4.20 -4.13 34.23
C ALA A 15 -2.85 -4.27 34.92
N SER A 16 -2.86 -4.73 36.19
CA SER A 16 -1.69 -4.94 37.06
C SER A 16 -0.63 -5.92 36.49
N SER A 17 -1.03 -6.75 35.50
CA SER A 17 -0.17 -7.75 34.85
C SER A 17 0.70 -7.15 33.74
N TYR A 18 0.47 -5.87 33.40
CA TYR A 18 1.17 -5.21 32.29
C TYR A 18 2.17 -4.15 32.80
N PRO A 19 3.10 -3.65 31.93
CA PRO A 19 4.05 -2.64 32.44
C PRO A 19 3.34 -1.39 32.92
N ALA A 20 4.00 -0.68 33.84
CA ALA A 20 3.47 0.54 34.46
C ALA A 20 3.00 1.57 33.42
N TRP A 21 3.74 1.73 32.30
CA TRP A 21 3.36 2.70 31.27
C TRP A 21 2.00 2.32 30.65
N ALA A 22 1.73 0.99 30.50
CA ALA A 22 0.51 0.46 29.92
C ALA A 22 -0.66 0.69 30.88
N GLN A 23 -0.42 0.50 32.18
CA GLN A 23 -1.44 0.75 33.20
C GLN A 23 -1.82 2.22 33.18
N GLN A 24 -0.82 3.10 33.07
CA GLN A 24 -0.98 4.54 32.97
C GLN A 24 -1.81 4.89 31.72
N LEU A 25 -1.53 4.23 30.57
CA LEU A 25 -2.28 4.42 29.32
C LEU A 25 -3.76 4.04 29.52
N ILE A 26 -4.04 2.90 30.20
CA ILE A 26 -5.41 2.47 30.47
C ILE A 26 -6.18 3.53 31.27
N ASN A 27 -5.56 4.06 32.36
CA ASN A 27 -6.16 5.10 33.18
C ASN A 27 -6.37 6.39 32.39
N ASP A 28 -5.38 6.79 31.56
CA ASP A 28 -5.45 8.03 30.79
C ASP A 28 -6.55 8.00 29.72
N CYS A 29 -6.83 6.82 29.16
CA CYS A 29 -7.83 6.68 28.10
C CYS A 29 -9.20 6.27 28.63
N SER A 30 -9.32 5.94 29.93
CA SER A 30 -10.59 5.49 30.53
C SER A 30 -11.72 6.56 30.40
N PRO A 31 -11.50 7.89 30.60
CA PRO A 31 -12.64 8.84 30.40
C PRO A 31 -13.19 8.86 28.98
N ALA A 32 -12.31 8.74 27.95
CA ALA A 32 -12.70 8.69 26.54
C ALA A 32 -13.49 7.40 26.23
N LYS A 33 -13.09 6.28 26.85
CA LYS A 33 -13.79 5.00 26.68
C LYS A 33 -15.18 5.09 27.32
N ALA A 34 -15.26 5.68 28.53
CA ALA A 34 -16.48 5.85 29.30
C ALA A 34 -17.55 6.67 28.55
N ARG A 35 -17.15 7.76 27.86
CA ARG A 35 -18.03 8.59 27.03
C ARG A 35 -18.83 7.76 26.01
N VAL A 36 -18.18 6.73 25.46
CA VAL A 36 -18.72 5.79 24.46
C VAL A 36 -19.60 4.74 25.12
N VAL A 37 -19.05 3.97 26.05
CA VAL A 37 -19.70 2.86 26.73
C VAL A 37 -20.93 3.33 27.55
N GLU A 38 -20.80 4.45 28.25
CA GLU A 38 -21.88 4.96 29.09
C GLU A 38 -22.83 5.88 28.30
N HIS A 39 -22.68 5.95 26.97
CA HIS A 39 -23.49 6.85 26.13
C HIS A 39 -25.00 6.53 26.19
N GLU A 40 -25.80 7.62 26.19
CA GLU A 40 -27.26 7.69 26.21
C GLU A 40 -27.90 6.81 25.13
N LEU A 41 -27.30 6.80 23.92
CA LEU A 41 -27.77 6.01 22.77
C LEU A 41 -27.91 4.53 23.15
N TYR A 42 -26.85 3.93 23.72
CA TYR A 42 -26.85 2.51 24.12
C TYR A 42 -27.82 2.25 25.25
N GLN A 43 -27.98 3.21 26.17
CA GLN A 43 -28.93 3.08 27.27
C GLN A 43 -30.37 3.03 26.73
N GLN A 44 -30.69 3.89 25.74
CA GLN A 44 -31.99 3.93 25.06
C GLN A 44 -32.23 2.63 24.26
N ARG A 46 -30.77 -0.40 24.80
CA ARG A 46 -30.88 -1.45 25.83
C ARG A 46 -32.33 -1.58 26.31
N ASP A 47 -33.01 -0.44 26.46
CA ASP A 47 -34.39 -0.35 26.94
C ASP A 47 -35.42 -0.36 25.79
N ALA A 48 -34.97 -0.65 24.54
CA ALA A 48 -35.82 -0.67 23.33
C ALA A 48 -36.63 0.64 23.18
N LYS A 49 -36.01 1.78 23.54
CA LYS A 49 -36.62 3.12 23.53
C LYS A 49 -35.96 4.04 22.50
N LEU A 50 -34.98 3.52 21.77
CA LEU A 50 -34.25 4.29 20.77
C LEU A 50 -35.08 4.42 19.48
N SER A 51 -35.29 5.69 19.06
CA SER A 51 -36.02 6.08 17.84
C SER A 51 -35.50 5.32 16.62
N PRO A 52 -36.44 4.77 15.81
CA PRO A 52 -36.02 4.06 14.58
C PRO A 52 -35.20 4.93 13.65
N GLN A 53 -35.40 6.28 13.70
CA GLN A 53 -34.64 7.25 12.92
C GLN A 53 -33.15 7.22 13.32
N ILE A 54 -32.86 7.19 14.64
CA ILE A 54 -31.49 7.15 15.16
C ILE A 54 -30.91 5.76 14.86
N ARG A 56 -31.55 3.68 12.53
CA ARG A 56 -31.26 3.60 11.11
C ARG A 56 -29.90 4.21 10.79
N GLN A 57 -29.64 5.46 11.27
CA GLN A 57 -28.36 6.16 11.06
C GLN A 57 -27.21 5.33 11.66
N TYR A 58 -27.46 4.75 12.86
CA TYR A 58 -26.51 3.94 13.60
C TYR A 58 -26.07 2.74 12.78
N LEU A 59 -27.06 1.95 12.32
CA LEU A 59 -26.86 0.72 11.57
C LEU A 59 -26.21 0.98 10.23
N ILE A 60 -26.61 2.04 9.50
CA ILE A 60 -25.99 2.36 8.22
C ILE A 60 -24.57 2.88 8.44
N GLY A 61 -24.41 3.90 9.29
CA GLY A 61 -23.10 4.51 9.58
C GLY A 61 -22.08 3.58 10.19
N GLY A 62 -22.54 2.63 10.98
CA GLY A 62 -21.69 1.64 11.64
C GLY A 62 -21.11 0.59 10.71
N TRP A 63 -21.76 0.38 9.56
CA TRP A 63 -21.40 -0.62 8.57
C TRP A 63 -19.93 -0.52 8.07
N PRO A 64 -19.40 0.67 7.66
CA PRO A 64 -18.03 0.74 7.13
C PRO A 64 -16.94 0.12 8.03
N VAL A 65 -16.97 0.36 9.35
CA VAL A 65 -15.94 -0.24 10.20
C VAL A 65 -16.18 -1.77 10.32
N VAL A 66 -17.46 -2.20 10.39
CA VAL A 66 -17.84 -3.60 10.50
C VAL A 66 -17.40 -4.35 9.24
N GLU A 67 -17.71 -3.79 8.07
CA GLU A 67 -17.34 -4.39 6.79
C GLU A 67 -15.81 -4.52 6.63
N GLN A 68 -15.04 -3.49 7.02
CA GLN A 68 -13.59 -3.48 6.79
C GLN A 68 -12.70 -3.92 7.98
N PHE A 69 -13.28 -4.31 9.11
CA PHE A 69 -12.49 -4.71 10.28
C PHE A 69 -11.40 -5.79 10.00
N ALA A 70 -11.72 -6.80 9.16
CA ALA A 70 -10.74 -7.83 8.85
C ALA A 70 -9.68 -7.29 7.88
N VAL A 71 -10.04 -6.28 7.03
CA VAL A 71 -9.11 -5.61 6.10
C VAL A 71 -8.07 -4.84 6.95
N TYR A 72 -8.51 -4.10 8.00
CA TYR A 72 -7.62 -3.43 8.97
C TYR A 72 -6.63 -4.45 9.59
N ALA A 74 -5.77 -7.54 8.18
CA ALA A 74 -4.98 -8.01 7.05
C ALA A 74 -3.85 -7.01 6.76
N LYS A 75 -4.11 -5.71 6.80
CA LYS A 75 -3.12 -4.64 6.59
C LYS A 75 -2.06 -4.68 7.70
N ASN A 76 -2.50 -4.86 8.93
CA ASN A 76 -1.63 -4.99 10.08
C ASN A 76 -0.70 -6.23 9.95
N LEU A 77 -1.24 -7.38 9.49
CA LEU A 77 -0.51 -8.63 9.26
C LEU A 77 0.64 -8.45 8.26
N THR A 78 0.45 -7.55 7.28
CA THR A 78 1.47 -7.28 6.25
C THR A 78 2.70 -6.58 6.86
N LYS A 79 2.59 -6.00 8.06
CA LYS A 79 3.72 -5.32 8.74
C LYS A 79 4.61 -6.34 9.48
N THR A 80 4.15 -7.59 9.62
CA THR A 80 4.88 -8.63 10.36
C THR A 80 5.83 -9.41 9.47
N ARG A 81 6.86 -9.95 10.12
CA ARG A 81 7.90 -10.82 9.61
C ARG A 81 8.16 -11.89 10.65
N PHE A 82 8.51 -13.09 10.19
CA PHE A 82 8.75 -14.22 11.08
C PHE A 82 10.13 -14.14 11.77
N GLY A 83 10.16 -14.49 13.04
CA GLY A 83 11.37 -14.57 13.85
C GLY A 83 12.19 -13.29 13.99
N ARG A 84 11.55 -12.14 13.76
CA ARG A 84 12.19 -10.84 13.83
C ARG A 84 12.17 -10.36 15.28
N HIS A 85 11.00 -10.48 15.94
CA HIS A 85 10.77 -10.03 17.32
C HIS A 85 9.71 -10.91 17.97
N PRO A 86 9.79 -11.22 19.31
CA PRO A 86 8.76 -12.08 19.94
C PRO A 86 7.34 -11.52 19.82
N GLY A 87 7.21 -10.19 19.94
CA GLY A 87 5.95 -9.46 19.82
C GLY A 87 5.34 -9.59 18.44
N GLU A 88 6.20 -9.58 17.42
CA GLU A 88 5.84 -9.69 16.02
C GLU A 88 5.35 -11.08 15.70
N ASP A 89 5.98 -12.10 16.32
CA ASP A 89 5.57 -13.48 16.12
C ASP A 89 4.22 -13.73 16.77
N ALA A 91 1.84 -11.33 17.20
CA ALA A 91 0.95 -10.59 16.33
C ALA A 91 0.65 -11.41 15.09
N ARG A 92 1.72 -11.99 14.43
CA ARG A 92 1.59 -12.85 13.26
CA ARG A 92 1.60 -12.87 13.26
C ARG A 92 0.47 -13.88 13.50
N ARG A 93 0.66 -14.78 14.47
CA ARG A 93 -0.26 -15.85 14.89
C ARG A 93 -1.65 -15.36 15.22
N TRP A 94 -1.74 -14.33 16.07
CA TRP A 94 -2.99 -13.81 16.57
C TRP A 94 -3.85 -13.23 15.46
N LEU A 95 -3.27 -12.39 14.60
CA LEU A 95 -3.99 -11.80 13.47
C LEU A 95 -4.43 -12.90 12.48
N ARG A 97 -5.21 -16.02 13.19
CA ARG A 97 -6.32 -16.70 13.89
C ARG A 97 -7.59 -15.85 13.88
N ASN A 98 -7.49 -14.55 14.24
CA ASN A 98 -8.64 -13.67 14.42
C ASN A 98 -9.27 -13.13 13.13
N ILE A 99 -8.56 -13.19 11.99
CA ILE A 99 -9.13 -12.78 10.69
C ILE A 99 -10.28 -13.78 10.36
N ARG A 100 -10.04 -15.08 10.63
CA ARG A 100 -10.98 -16.19 10.46
C ARG A 100 -12.22 -15.99 11.34
N VAL A 101 -12.03 -15.47 12.56
CA VAL A 101 -13.09 -15.22 13.54
C VAL A 101 -14.15 -14.20 13.00
N GLU A 102 -13.67 -13.18 12.26
CA GLU A 102 -14.51 -12.12 11.70
C GLU A 102 -15.33 -12.57 10.46
N LEU A 103 -15.18 -13.85 10.02
CA LEU A 103 -15.80 -14.42 8.81
C LEU A 103 -17.26 -14.00 8.56
N ASN A 104 -18.16 -14.30 9.49
CA ASN A 104 -19.58 -14.04 9.32
C ASN A 104 -20.07 -12.75 9.97
N HIS A 105 -19.15 -11.94 10.49
CA HIS A 105 -19.54 -10.74 11.23
C HIS A 105 -20.29 -9.74 10.37
N ALA A 106 -19.87 -9.56 9.11
CA ALA A 106 -20.55 -8.65 8.20
C ALA A 106 -21.99 -9.14 7.90
N ASP A 107 -22.16 -10.47 7.72
CA ASP A 107 -23.45 -11.09 7.47
C ASP A 107 -24.38 -10.92 8.67
N TYR A 108 -23.82 -10.98 9.89
CA TYR A 108 -24.56 -10.77 11.12
C TYR A 108 -25.08 -9.34 11.21
N TRP A 109 -24.23 -8.36 10.80
CA TRP A 109 -24.63 -6.95 10.79
C TRP A 109 -25.78 -6.73 9.80
N VAL A 110 -25.69 -7.33 8.61
CA VAL A 110 -26.72 -7.24 7.57
C VAL A 110 -28.07 -7.79 8.14
N ASN A 111 -27.98 -8.84 8.96
CA ASN A 111 -29.14 -9.49 9.57
C ASN A 111 -29.78 -8.62 10.65
N TRP A 112 -28.95 -7.94 11.44
CA TRP A 112 -29.42 -7.02 12.47
C TRP A 112 -30.15 -5.86 11.78
N CYS A 113 -29.58 -5.37 10.66
CA CYS A 113 -30.09 -4.29 9.82
C CYS A 113 -31.45 -4.62 9.29
N ALA A 114 -31.63 -5.88 8.83
CA ALA A 114 -32.86 -6.38 8.25
C ALA A 114 -34.01 -6.28 9.24
N ALA A 115 -33.73 -6.53 10.54
CA ALA A 115 -34.72 -6.46 11.61
C ALA A 115 -35.22 -5.01 11.82
N HIS A 116 -34.45 -4.01 11.32
CA HIS A 116 -34.83 -2.60 11.43
C HIS A 116 -35.13 -1.97 10.07
N ASP A 117 -35.39 -2.82 9.07
CA ASP A 117 -35.73 -2.45 7.69
C ASP A 117 -34.61 -1.60 7.02
N VAL A 118 -33.36 -2.01 7.25
CA VAL A 118 -32.17 -1.46 6.62
C VAL A 118 -31.63 -2.57 5.69
N THR A 119 -31.74 -2.34 4.37
CA THR A 119 -31.32 -3.28 3.31
C THR A 119 -29.81 -3.21 3.08
N LEU A 120 -29.27 -4.19 2.34
CA LEU A 120 -27.85 -4.20 1.99
C LEU A 120 -27.59 -3.01 1.04
N GLU A 121 -28.61 -2.67 0.21
CA GLU A 121 -28.56 -1.53 -0.69
C GLU A 121 -28.36 -0.23 0.11
N ASP A 122 -29.05 -0.11 1.27
CA ASP A 122 -28.92 1.04 2.19
C ASP A 122 -27.48 1.18 2.69
N LEU A 123 -26.88 0.03 3.07
CA LEU A 123 -25.49 -0.06 3.51
C LEU A 123 -24.52 0.36 2.39
N HIS A 124 -24.81 0.00 1.12
CA HIS A 124 -23.96 0.40 0.01
C HIS A 124 -24.07 1.89 -0.26
N ASP A 125 -25.31 2.43 -0.26
CA ASP A 125 -25.64 3.82 -0.59
C ASP A 125 -25.04 4.83 0.37
N GLN A 126 -24.93 4.45 1.67
CA GLN A 126 -24.39 5.24 2.80
C GLN A 126 -24.96 6.67 2.81
N ARG A 127 -26.30 6.75 2.76
CA ARG A 127 -27.09 7.98 2.78
CA ARG A 127 -27.05 8.01 2.76
C ARG A 127 -27.14 8.54 4.22
N VAL A 128 -25.97 8.83 4.80
CA VAL A 128 -25.82 9.33 6.16
C VAL A 128 -24.87 10.50 6.18
N ALA A 129 -24.81 11.20 7.34
CA ALA A 129 -23.89 12.31 7.57
C ALA A 129 -22.42 11.85 7.43
N PRO A 130 -21.59 12.56 6.61
CA PRO A 130 -20.17 12.13 6.42
C PRO A 130 -19.39 11.98 7.73
N GLU A 131 -19.75 12.74 8.78
CA GLU A 131 -19.17 12.65 10.14
C GLU A 131 -19.05 11.20 10.61
N LEU A 132 -20.07 10.37 10.31
CA LEU A 132 -20.16 8.98 10.77
C LEU A 132 -19.09 8.08 10.16
N HIS A 133 -18.46 8.51 9.06
CA HIS A 133 -17.43 7.72 8.38
C HIS A 133 -16.02 7.95 8.92
N ALA A 134 -15.83 8.92 9.82
CA ALA A 134 -14.53 9.32 10.34
C ALA A 134 -13.75 8.18 10.97
N LEU A 135 -14.42 7.35 11.78
CA LEU A 135 -13.75 6.22 12.42
C LEU A 135 -13.10 5.29 11.37
N SER A 136 -13.86 4.93 10.29
CA SER A 136 -13.39 4.06 9.22
C SER A 136 -12.17 4.66 8.51
N HIS A 137 -12.16 5.99 8.26
CA HIS A 137 -11.02 6.65 7.59
C HIS A 137 -9.78 6.60 8.49
N TRP A 138 -9.96 6.85 9.79
CA TRP A 138 -8.91 6.76 10.79
C TRP A 138 -8.36 5.31 10.85
N CYS A 139 -9.26 4.30 10.86
CA CYS A 139 -8.87 2.89 10.92
C CYS A 139 -8.01 2.57 9.75
N TRP A 140 -8.44 3.05 8.57
CA TRP A 140 -7.72 2.84 7.34
C TRP A 140 -6.30 3.38 7.42
N GLN A 141 -6.14 4.67 7.75
CA GLN A 141 -4.83 5.32 7.83
C GLN A 141 -3.91 4.65 8.84
N THR A 142 -4.42 4.37 10.07
CA THR A 142 -3.58 3.80 11.12
C THR A 142 -3.16 2.41 10.74
N SER A 143 -4.05 1.60 10.17
CA SER A 143 -3.67 0.24 9.78
C SER A 143 -2.82 0.24 8.50
N SER A 144 -2.86 1.32 7.70
CA SER A 144 -2.03 1.44 6.50
C SER A 144 -0.60 1.90 6.81
N SER A 145 -0.46 2.98 7.58
CA SER A 145 0.81 3.66 7.76
C SER A 145 1.40 3.69 9.18
N ASP A 146 0.65 3.34 10.24
CA ASP A 146 1.28 3.43 11.56
C ASP A 146 2.03 2.15 11.88
N SER A 147 2.87 2.17 12.90
CA SER A 147 3.57 0.98 13.38
C SER A 147 2.54 -0.08 13.85
N LEU A 148 2.88 -1.36 13.76
CA LEU A 148 1.98 -2.45 14.13
C LEU A 148 1.35 -2.23 15.55
N ALA A 149 2.18 -1.83 16.56
CA ALA A 149 1.72 -1.60 17.93
C ALA A 149 0.66 -0.50 18.00
N VAL A 150 0.94 0.67 17.37
CA VAL A 150 0.08 1.86 17.33
C VAL A 150 -1.24 1.52 16.61
N ALA A 151 -1.13 0.90 15.43
CA ALA A 151 -2.29 0.46 14.66
C ALA A 151 -3.22 -0.51 15.44
N ALA A 153 -3.35 -0.93 18.71
CA ALA A 153 -3.87 -0.18 19.84
C ALA A 153 -5.16 0.56 19.42
N ALA A 154 -5.20 1.07 18.18
CA ALA A 154 -6.31 1.86 17.66
C ALA A 154 -7.45 1.01 17.16
N THR A 155 -7.19 -0.20 16.71
CA THR A 155 -8.25 -1.03 16.13
C THR A 155 -8.67 -2.13 17.08
N ASN A 156 -7.83 -3.20 17.18
CA ASN A 156 -8.04 -4.41 17.98
C ASN A 156 -8.21 -4.14 19.45
N TYR A 157 -7.48 -3.14 19.97
CA TYR A 157 -7.57 -2.87 21.38
C TYR A 157 -8.73 -1.91 21.69
N ALA A 158 -8.70 -0.70 21.13
CA ALA A 158 -9.69 0.33 21.44
C ALA A 158 -11.08 0.03 20.90
N ILE A 159 -11.21 -0.33 19.60
CA ILE A 159 -12.52 -0.58 19.00
C ILE A 159 -13.16 -1.85 19.55
N GLU A 160 -12.49 -3.01 19.46
CA GLU A 160 -13.06 -4.25 19.95
C GLU A 160 -13.31 -4.22 21.46
N GLY A 161 -12.45 -3.51 22.20
CA GLY A 161 -12.60 -3.36 23.64
C GLY A 161 -13.86 -2.61 24.00
N ALA A 162 -14.07 -1.41 23.40
CA ALA A 162 -15.26 -0.59 23.63
C ALA A 162 -16.51 -1.31 23.15
N THR A 163 -16.45 -1.96 21.95
CA THR A 163 -17.56 -2.68 21.33
C THR A 163 -18.11 -3.75 22.26
N GLY A 164 -17.22 -4.52 22.91
CA GLY A 164 -17.60 -5.56 23.86
C GLY A 164 -18.34 -4.99 25.05
N GLU A 165 -17.90 -3.83 25.54
CA GLU A 165 -18.50 -3.17 26.69
C GLU A 165 -19.88 -2.58 26.37
N TRP A 166 -20.06 -1.87 25.23
CA TRP A 166 -21.36 -1.27 24.93
C TRP A 166 -22.37 -2.30 24.45
N SER A 167 -21.92 -3.38 23.76
CA SER A 167 -22.84 -4.43 23.32
C SER A 167 -23.37 -5.18 24.53
N ALA A 168 -22.55 -5.27 25.62
CA ALA A 168 -22.96 -5.88 26.89
C ALA A 168 -24.04 -5.01 27.53
N VAL A 169 -23.88 -3.67 27.50
CA VAL A 169 -24.84 -2.70 28.03
C VAL A 169 -26.19 -2.90 27.32
N VAL A 170 -26.16 -2.96 25.98
CA VAL A 170 -27.34 -3.10 25.11
C VAL A 170 -28.10 -4.41 25.41
N CYS A 171 -27.38 -5.51 25.75
CA CYS A 171 -27.98 -6.84 26.02
C CYS A 171 -28.27 -7.09 27.51
N SER A 172 -27.80 -6.21 28.41
CA SER A 172 -27.89 -6.33 29.86
C SER A 172 -29.31 -6.51 30.46
N THR A 173 -30.38 -6.05 29.80
CA THR A 173 -31.72 -6.17 30.42
C THR A 173 -32.62 -7.24 29.77
N GLY A 174 -32.37 -7.54 28.50
CA GLY A 174 -33.21 -8.47 27.74
C GLY A 174 -34.42 -7.82 27.09
N VAL A 175 -34.67 -6.52 27.40
CA VAL A 175 -35.76 -5.70 26.87
C VAL A 175 -35.61 -5.54 25.36
N TYR A 176 -34.40 -5.18 24.90
CA TYR A 176 -34.13 -5.00 23.47
C TYR A 176 -34.41 -6.29 22.68
N ALA A 177 -33.94 -7.45 23.19
CA ALA A 177 -34.16 -8.73 22.51
C ALA A 177 -35.64 -9.10 22.44
N GLU A 178 -36.39 -8.88 23.55
CA GLU A 178 -37.84 -9.15 23.67
C GLU A 178 -38.67 -8.32 22.66
N ALA A 179 -38.13 -7.19 22.19
CA ALA A 179 -38.77 -6.32 21.19
C ALA A 179 -38.85 -6.97 19.80
N PHE A 180 -37.98 -7.98 19.54
CA PHE A 180 -37.97 -8.68 18.26
C PHE A 180 -38.87 -9.89 18.30
N ALA A 181 -39.36 -10.31 17.12
CA ALA A 181 -40.22 -11.48 16.97
C ALA A 181 -39.43 -12.73 17.35
N GLU A 182 -40.06 -13.62 18.15
CA GLU A 182 -39.46 -14.87 18.65
C GLU A 182 -38.78 -15.66 17.52
N GLU A 183 -39.50 -15.84 16.39
CA GLU A 183 -39.10 -16.55 15.18
C GLU A 183 -37.76 -16.06 14.56
N THR A 184 -37.55 -14.73 14.51
CA THR A 184 -36.37 -14.13 13.89
C THR A 184 -35.35 -13.57 14.90
N ARG A 185 -35.65 -13.67 16.21
CA ARG A 185 -34.87 -13.12 17.31
C ARG A 185 -33.40 -13.51 17.28
N LYS A 186 -33.10 -14.82 17.23
CA LYS A 186 -31.74 -15.34 17.26
C LYS A 186 -30.86 -14.78 16.12
N LYS A 187 -31.42 -14.74 14.88
CA LYS A 187 -30.79 -14.23 13.66
C LYS A 187 -30.47 -12.73 13.76
N SER A 188 -31.40 -11.96 14.33
CA SER A 188 -31.30 -10.51 14.45
C SER A 188 -30.32 -10.08 15.55
N LYS A 190 -27.82 -11.92 16.68
CA LYS A 190 -26.56 -12.63 16.48
C LYS A 190 -25.34 -11.72 16.58
N TRP A 191 -25.31 -10.57 15.88
CA TRP A 191 -24.13 -9.70 15.94
C TRP A 191 -23.86 -9.23 17.35
N LEU A 192 -24.93 -8.80 18.06
CA LEU A 192 -24.80 -8.31 19.43
C LEU A 192 -24.34 -9.41 20.38
N LYS A 193 -24.94 -10.63 20.25
CA LYS A 193 -24.63 -11.83 21.04
C LYS A 193 -23.16 -12.17 20.91
N HIS A 195 -20.67 -10.24 20.24
CA HIS A 195 -19.76 -9.26 20.87
C HIS A 195 -20.01 -9.12 22.37
N ALA A 196 -21.25 -9.35 22.85
CA ALA A 196 -21.54 -9.23 24.28
C ALA A 196 -21.05 -10.47 25.07
N GLN A 197 -21.44 -11.67 24.61
CA GLN A 197 -21.12 -12.96 25.25
C GLN A 197 -19.68 -13.50 24.92
N TYR A 198 -19.07 -13.09 23.79
CA TYR A 198 -17.70 -13.55 23.44
C TYR A 198 -16.69 -12.86 24.33
N ASP A 200 -14.36 -11.93 26.61
CA ASP A 200 -14.00 -10.51 26.68
C ASP A 200 -12.45 -10.35 26.63
N ALA A 201 -11.77 -11.41 26.18
CA ALA A 201 -10.32 -11.53 26.14
C ALA A 201 -9.65 -10.82 24.99
N HIS A 202 -10.34 -10.70 23.84
CA HIS A 202 -9.76 -10.12 22.62
C HIS A 202 -8.92 -8.83 22.92
N PRO A 203 -9.44 -7.76 23.61
CA PRO A 203 -8.60 -6.56 23.79
C PRO A 203 -7.37 -6.76 24.68
N TRP A 204 -7.45 -7.68 25.64
CA TRP A 204 -6.33 -8.00 26.51
C TRP A 204 -5.20 -8.67 25.73
N GLU A 205 -5.53 -9.63 24.83
CA GLU A 205 -4.59 -10.32 23.95
C GLU A 205 -3.90 -9.28 23.09
N ALA A 206 -4.69 -8.34 22.52
CA ALA A 206 -4.19 -7.19 21.76
C ALA A 206 -3.26 -6.31 22.64
N LEU A 207 -3.64 -6.00 23.92
CA LEU A 207 -2.81 -5.22 24.86
C LEU A 207 -1.48 -5.94 25.16
N GLU A 208 -1.55 -7.27 25.34
CA GLU A 208 -0.41 -8.14 25.57
C GLU A 208 0.53 -8.07 24.38
N ILE A 209 -0.04 -8.12 23.12
CA ILE A 209 0.80 -8.09 21.92
C ILE A 209 1.50 -6.73 21.87
N ILE A 210 0.76 -5.64 22.11
CA ILE A 210 1.28 -4.28 22.07
C ILE A 210 2.44 -4.11 23.07
N CYS A 211 2.29 -4.62 24.32
CA CYS A 211 3.33 -4.49 25.36
C CYS A 211 4.55 -5.34 25.02
N THR A 212 4.35 -6.51 24.40
CA THR A 212 5.44 -7.39 23.99
C THR A 212 6.26 -6.72 22.88
N LEU A 213 5.59 -6.04 21.94
CA LEU A 213 6.26 -5.32 20.85
C LEU A 213 7.13 -4.12 21.35
N VAL A 214 6.53 -3.23 22.18
CA VAL A 214 7.18 -1.98 22.63
C VAL A 214 8.07 -2.15 23.88
N GLY A 215 7.93 -3.26 24.60
CA GLY A 215 8.68 -3.57 25.81
C GLY A 215 8.25 -2.83 27.06
N ASN A 216 9.05 -2.98 28.12
CA ASN A 216 8.81 -2.37 29.43
C ASN A 216 9.19 -0.89 29.52
N LYS A 217 10.13 -0.43 28.69
CA LYS A 217 10.65 0.92 28.76
C LYS A 217 10.51 1.64 27.40
N PRO A 218 9.28 1.85 26.83
CA PRO A 218 9.17 2.55 25.55
C PRO A 218 9.40 4.03 25.74
N SER A 219 9.83 4.72 24.67
CA SER A 219 10.08 6.18 24.72
C SER A 219 8.80 6.94 25.06
N LEU A 220 8.93 8.13 25.64
CA LEU A 220 7.76 8.93 25.98
C LEU A 220 7.01 9.32 24.72
N GLN A 221 7.74 9.50 23.60
CA GLN A 221 7.18 9.84 22.30
C GLN A 221 6.26 8.68 21.81
N LEU A 222 6.73 7.42 21.90
CA LEU A 222 5.99 6.23 21.50
C LEU A 222 4.74 6.05 22.39
N GLN A 223 4.90 6.31 23.72
CA GLN A 223 3.81 6.24 24.71
C GLN A 223 2.71 7.22 24.35
N ALA A 224 3.08 8.45 23.98
CA ALA A 224 2.15 9.49 23.57
C ALA A 224 1.41 9.07 22.27
N GLU A 225 2.12 8.43 21.29
CA GLU A 225 1.45 7.99 20.05
C GLU A 225 0.42 6.97 20.38
N LEU A 226 0.81 6.00 21.26
CA LEU A 226 -0.09 4.93 21.69
C LEU A 226 -1.35 5.52 22.35
N ARG A 227 -1.15 6.49 23.26
CA ARG A 227 -2.23 7.16 23.99
C ARG A 227 -3.15 7.91 22.99
N GLN A 228 -2.55 8.67 22.05
CA GLN A 228 -3.30 9.46 21.06
C GLN A 228 -4.11 8.56 20.13
N ALA A 229 -3.53 7.41 19.72
CA ALA A 229 -4.21 6.50 18.80
C ALA A 229 -5.46 5.87 19.45
N VAL A 230 -5.34 5.42 20.71
CA VAL A 230 -6.42 4.83 21.48
C VAL A 230 -7.51 5.91 21.72
N THR A 231 -7.11 7.11 22.13
CA THR A 231 -8.04 8.22 22.40
C THR A 231 -8.79 8.63 21.13
N LYS A 232 -8.07 8.75 19.98
CA LYS A 232 -8.68 9.11 18.71
C LYS A 232 -9.82 8.13 18.34
N SER A 233 -9.58 6.82 18.52
CA SER A 233 -10.58 5.79 18.22
C SER A 233 -11.83 5.99 19.09
N TYR A 234 -11.65 6.18 20.40
CA TYR A 234 -12.74 6.41 21.34
C TYR A 234 -13.47 7.72 21.02
N ASP A 235 -12.73 8.80 20.74
CA ASP A 235 -13.30 10.11 20.42
C ASP A 235 -14.16 10.06 19.12
N TYR A 236 -13.69 9.36 18.09
CA TYR A 236 -14.44 9.24 16.84
C TYR A 236 -15.71 8.43 17.06
N TYR A 238 -17.36 8.40 19.98
CA TYR A 238 -18.20 9.32 20.72
C TYR A 238 -18.89 10.33 19.78
N LEU A 239 -18.11 10.89 18.83
CA LEU A 239 -18.63 11.87 17.87
C LEU A 239 -19.69 11.25 16.98
N PHE A 240 -19.50 9.97 16.60
CA PHE A 240 -20.46 9.17 15.82
C PHE A 240 -21.78 9.05 16.60
N LEU A 241 -21.70 8.73 17.91
CA LEU A 241 -22.85 8.57 18.79
C LEU A 241 -23.57 9.88 18.96
N GLU A 242 -22.82 10.96 19.15
CA GLU A 242 -23.37 12.31 19.31
C GLU A 242 -24.11 12.76 18.06
N ARG A 243 -23.57 12.42 16.89
CA ARG A 243 -24.16 12.77 15.61
C ARG A 243 -25.50 12.03 15.43
N CYS A 244 -25.50 10.73 15.73
CA CYS A 244 -26.68 9.87 15.67
C CYS A 244 -27.84 10.38 16.55
N ILE A 245 -27.54 10.74 17.82
CA ILE A 245 -28.49 11.20 18.82
C ILE A 245 -29.01 12.62 18.50
N GLN A 246 -28.28 13.43 17.69
CA GLN A 246 -28.68 14.79 17.29
C GLN A 246 -29.97 14.72 16.41
N LEU A 247 -30.12 13.62 15.60
CA LEU A 247 -31.22 13.32 14.68
C LEU A 247 -32.48 12.91 15.43
N ASP B 4 -21.06 -12.26 -19.36
CA ASP B 4 -22.09 -12.88 -18.52
C ASP B 4 -21.49 -13.55 -17.25
N THR B 5 -22.35 -13.77 -16.23
CA THR B 5 -21.99 -14.30 -14.91
C THR B 5 -21.69 -15.81 -14.94
N PHE B 6 -20.62 -16.25 -14.20
CA PHE B 6 -20.25 -17.66 -14.08
C PHE B 6 -20.74 -18.27 -12.78
N GLU B 7 -21.30 -19.48 -12.90
CA GLU B 7 -21.78 -20.28 -11.79
C GLU B 7 -21.44 -21.72 -12.10
N ARG B 8 -20.58 -22.33 -11.26
CA ARG B 8 -20.13 -23.72 -11.45
C ARG B 8 -21.28 -24.71 -11.27
N THR B 9 -21.43 -25.60 -12.23
CA THR B 9 -22.46 -26.63 -12.25
C THR B 9 -21.84 -28.01 -11.99
N GLY B 10 -20.79 -28.31 -12.77
CA GLY B 10 -20.07 -29.58 -12.72
C GLY B 10 -19.15 -29.73 -11.54
N PRO B 11 -18.50 -30.93 -11.42
CA PRO B 11 -17.58 -31.16 -10.28
C PRO B 11 -16.41 -30.17 -10.24
N LEU B 12 -16.06 -29.72 -9.01
CA LEU B 12 -15.02 -28.75 -8.73
C LEU B 12 -13.64 -29.08 -9.33
N GLU B 14 -12.75 -30.76 -12.16
CA GLU B 14 -12.74 -31.07 -13.58
C GLU B 14 -12.66 -29.79 -14.38
N ALA B 15 -11.67 -29.68 -15.27
CA ALA B 15 -11.50 -28.50 -16.11
C ALA B 15 -12.76 -28.18 -16.92
N SER B 16 -13.50 -29.23 -17.35
CA SER B 16 -14.74 -29.18 -18.14
C SER B 16 -15.89 -28.40 -17.44
N SER B 17 -15.79 -28.21 -16.11
CA SER B 17 -16.79 -27.52 -15.29
C SER B 17 -16.62 -25.98 -15.34
N TYR B 18 -15.54 -25.49 -15.98
CA TYR B 18 -15.21 -24.07 -16.00
C TYR B 18 -15.42 -23.44 -17.40
N PRO B 19 -15.45 -22.09 -17.55
CA PRO B 19 -15.66 -21.52 -18.91
C PRO B 19 -14.55 -21.93 -19.85
N ALA B 20 -14.87 -21.94 -21.15
CA ALA B 20 -13.96 -22.34 -22.21
C ALA B 20 -12.62 -21.58 -22.15
N TRP B 21 -12.65 -20.27 -21.82
CA TRP B 21 -11.42 -19.47 -21.74
C TRP B 21 -10.49 -20.02 -20.62
N ALA B 22 -11.10 -20.48 -19.52
CA ALA B 22 -10.38 -21.01 -18.36
C ALA B 22 -9.75 -22.36 -18.70
N GLN B 23 -10.48 -23.18 -19.45
CA GLN B 23 -9.98 -24.48 -19.90
C GLN B 23 -8.77 -24.26 -20.80
N GLN B 24 -8.88 -23.28 -21.71
CA GLN B 24 -7.82 -22.87 -22.62
C GLN B 24 -6.59 -22.40 -21.80
N LEU B 25 -6.81 -21.60 -20.72
CA LEU B 25 -5.74 -21.11 -19.84
C LEU B 25 -5.01 -22.31 -19.19
N ILE B 26 -5.77 -23.31 -18.68
CA ILE B 26 -5.17 -24.49 -18.06
C ILE B 26 -4.24 -25.23 -19.05
N ASN B 27 -4.72 -25.45 -20.30
CA ASN B 27 -3.94 -26.11 -21.34
C ASN B 27 -2.70 -25.29 -21.72
N ASP B 28 -2.85 -23.97 -21.87
CA ASP B 28 -1.76 -23.07 -22.27
C ASP B 28 -0.65 -22.99 -21.22
N CYS B 29 -1.00 -23.14 -19.93
CA CYS B 29 -0.02 -23.05 -18.84
C CYS B 29 0.50 -24.41 -18.40
N SER B 30 -0.06 -25.52 -18.93
CA SER B 30 0.35 -26.87 -18.54
C SER B 30 1.83 -27.16 -18.81
N PRO B 31 2.45 -26.73 -19.96
CA PRO B 31 3.90 -27.03 -20.15
C PRO B 31 4.78 -26.37 -19.09
N ALA B 32 4.45 -25.11 -18.71
CA ALA B 32 5.18 -24.34 -17.71
C ALA B 32 5.04 -25.00 -16.31
N LYS B 33 3.85 -25.54 -15.99
CA LYS B 33 3.61 -26.25 -14.73
C LYS B 33 4.44 -27.54 -14.70
N ALA B 34 4.46 -28.28 -15.83
CA ALA B 34 5.18 -29.56 -16.00
C ALA B 34 6.69 -29.40 -15.78
N ARG B 35 7.30 -28.33 -16.29
CA ARG B 35 8.72 -28.01 -16.11
C ARG B 35 9.14 -27.99 -14.63
N VAL B 36 8.22 -27.49 -13.76
CA VAL B 36 8.39 -27.40 -12.32
C VAL B 36 8.13 -28.75 -11.63
N VAL B 37 6.95 -29.33 -11.82
CA VAL B 37 6.49 -30.55 -11.17
C VAL B 37 7.37 -31.76 -11.57
N GLU B 38 7.72 -31.85 -12.85
CA GLU B 38 8.53 -32.98 -13.35
C GLU B 38 10.03 -32.69 -13.23
N HIS B 39 10.42 -31.59 -12.55
CA HIS B 39 11.84 -31.21 -12.43
C HIS B 39 12.69 -32.28 -11.73
N GLU B 40 13.91 -32.43 -12.26
CA GLU B 40 14.99 -33.34 -11.85
C GLU B 40 15.30 -33.21 -10.34
N LEU B 41 15.28 -31.95 -9.82
CA LEU B 41 15.55 -31.64 -8.40
C LEU B 41 14.61 -32.44 -7.49
N TYR B 42 13.29 -32.39 -7.74
CA TYR B 42 12.30 -33.12 -6.94
C TYR B 42 12.43 -34.63 -7.07
N GLN B 43 12.78 -35.11 -8.27
CA GLN B 43 13.01 -36.53 -8.50
C GLN B 43 14.20 -37.04 -7.67
N GLN B 44 15.30 -36.25 -7.62
CA GLN B 44 16.50 -36.53 -6.81
C GLN B 44 16.18 -36.50 -5.31
N ARG B 46 13.13 -36.90 -3.90
CA ARG B 46 12.22 -38.04 -3.69
C ARG B 46 13.00 -39.32 -3.35
N ASP B 47 14.11 -39.52 -4.06
CA ASP B 47 14.97 -40.69 -3.95
C ASP B 47 16.12 -40.50 -2.95
N ALA B 48 16.10 -39.40 -2.16
CA ALA B 48 17.12 -39.04 -1.16
C ALA B 48 18.52 -39.05 -1.78
N LYS B 49 18.63 -38.56 -3.03
CA LYS B 49 19.88 -38.52 -3.80
C LYS B 49 20.31 -37.08 -4.08
N LEU B 50 19.55 -36.10 -3.57
CA LEU B 50 19.85 -34.69 -3.80
C LEU B 50 20.96 -34.21 -2.87
N SER B 51 22.01 -33.63 -3.47
CA SER B 51 23.19 -33.10 -2.79
C SER B 51 22.81 -32.12 -1.69
N PRO B 52 23.41 -32.27 -0.48
CA PRO B 52 23.14 -31.32 0.62
C PRO B 52 23.43 -29.87 0.24
N GLN B 53 24.36 -29.64 -0.70
CA GLN B 53 24.72 -28.31 -1.23
C GLN B 53 23.48 -27.68 -1.92
N ILE B 54 22.79 -28.45 -2.78
CA ILE B 54 21.59 -28.02 -3.51
C ILE B 54 20.45 -27.86 -2.52
N ARG B 56 20.47 -27.19 0.61
CA ARG B 56 20.70 -25.99 1.41
C ARG B 56 20.20 -24.72 0.67
N GLN B 57 20.62 -24.54 -0.60
CA GLN B 57 20.19 -23.39 -1.44
C GLN B 57 18.67 -23.39 -1.58
N TYR B 58 18.07 -24.58 -1.80
CA TYR B 58 16.65 -24.80 -1.94
C TYR B 58 15.89 -24.30 -0.73
N LEU B 59 16.28 -24.79 0.46
CA LEU B 59 15.66 -24.49 1.74
C LEU B 59 15.80 -23.03 2.12
N ILE B 60 17.00 -22.44 1.89
CA ILE B 60 17.20 -21.03 2.23
C ILE B 60 16.42 -20.15 1.22
N GLY B 61 16.63 -20.34 -0.09
CA GLY B 61 15.97 -19.59 -1.15
C GLY B 61 14.46 -19.69 -1.16
N GLY B 62 13.92 -20.86 -0.79
CA GLY B 62 12.49 -21.11 -0.73
C GLY B 62 11.77 -20.40 0.40
N TRP B 63 12.51 -20.02 1.46
CA TRP B 63 11.99 -19.38 2.67
C TRP B 63 11.16 -18.10 2.38
N PRO B 64 11.66 -17.11 1.59
CA PRO B 64 10.88 -15.87 1.39
C PRO B 64 9.41 -16.06 0.95
N VAL B 65 9.13 -16.96 0.00
CA VAL B 65 7.74 -17.17 -0.42
C VAL B 65 6.94 -17.86 0.72
N VAL B 66 7.57 -18.82 1.42
CA VAL B 66 6.97 -19.55 2.54
C VAL B 66 6.63 -18.58 3.67
N GLU B 67 7.60 -17.75 4.06
CA GLU B 67 7.41 -16.78 5.11
C GLU B 67 6.27 -15.76 4.79
N GLN B 68 6.22 -15.29 3.56
CA GLN B 68 5.27 -14.22 3.22
C GLN B 68 3.96 -14.70 2.55
N PHE B 69 3.75 -16.02 2.43
CA PHE B 69 2.57 -16.51 1.73
C PHE B 69 1.25 -15.94 2.26
N ALA B 70 1.09 -15.88 3.60
CA ALA B 70 -0.07 -15.30 4.27
C ALA B 70 -0.18 -13.78 4.02
N VAL B 71 0.96 -13.08 3.92
CA VAL B 71 1.00 -11.65 3.63
C VAL B 71 0.45 -11.41 2.18
N TYR B 72 0.76 -12.28 1.20
CA TYR B 72 0.24 -12.19 -0.17
C TYR B 72 -1.28 -12.29 -0.15
N ALA B 74 -3.27 -11.84 2.57
CA ALA B 74 -3.75 -10.69 3.34
C ALA B 74 -3.87 -9.47 2.43
N LYS B 75 -2.89 -9.26 1.55
CA LYS B 75 -2.89 -8.14 0.57
C LYS B 75 -4.06 -8.28 -0.37
N ASN B 76 -4.40 -9.51 -0.75
CA ASN B 76 -5.51 -9.75 -1.68
C ASN B 76 -6.83 -9.48 -1.02
N LEU B 77 -6.94 -9.90 0.25
CA LEU B 77 -8.13 -9.69 1.04
C LEU B 77 -8.46 -8.19 1.12
N THR B 78 -7.43 -7.32 1.17
CA THR B 78 -7.66 -5.88 1.28
C THR B 78 -8.33 -5.30 0.02
N LYS B 79 -8.35 -6.05 -1.12
CA LYS B 79 -8.96 -5.64 -2.38
C LYS B 79 -10.47 -5.93 -2.42
N THR B 80 -10.96 -6.77 -1.46
CA THR B 80 -12.37 -7.16 -1.38
C THR B 80 -13.21 -6.17 -0.58
N ARG B 81 -14.50 -6.20 -0.91
CA ARG B 81 -15.61 -5.48 -0.33
C ARG B 81 -16.81 -6.43 -0.27
N PHE B 82 -17.62 -6.30 0.77
CA PHE B 82 -18.79 -7.15 0.98
C PHE B 82 -19.96 -6.76 0.06
N GLY B 83 -20.63 -7.77 -0.48
CA GLY B 83 -21.83 -7.62 -1.30
C GLY B 83 -21.68 -6.81 -2.57
N ARG B 84 -20.44 -6.65 -3.06
CA ARG B 84 -20.14 -5.88 -4.25
C ARG B 84 -20.35 -6.77 -5.49
N HIS B 85 -19.78 -8.00 -5.45
CA HIS B 85 -19.82 -8.98 -6.53
C HIS B 85 -19.81 -10.40 -5.95
N PRO B 86 -20.50 -11.38 -6.57
CA PRO B 86 -20.49 -12.76 -6.01
C PRO B 86 -19.09 -13.37 -5.88
N GLY B 87 -18.23 -13.11 -6.87
CA GLY B 87 -16.85 -13.57 -6.91
C GLY B 87 -16.01 -13.00 -5.78
N GLU B 88 -16.26 -11.72 -5.47
CA GLU B 88 -15.61 -10.98 -4.40
C GLU B 88 -16.00 -11.51 -3.04
N ASP B 89 -17.26 -11.91 -2.88
CA ASP B 89 -17.75 -12.46 -1.63
C ASP B 89 -17.12 -13.83 -1.40
N ALA B 91 -14.14 -14.84 -2.64
CA ALA B 91 -12.72 -14.52 -2.38
C ALA B 91 -12.55 -14.09 -0.92
N ARG B 92 -13.39 -13.14 -0.44
CA ARG B 92 -13.39 -12.62 0.94
CA ARG B 92 -13.38 -12.64 0.94
C ARG B 92 -13.36 -13.80 1.94
N ARG B 93 -14.37 -14.69 1.88
CA ARG B 93 -14.54 -15.86 2.72
C ARG B 93 -13.36 -16.80 2.66
N TRP B 94 -12.96 -17.17 1.43
CA TRP B 94 -11.92 -18.14 1.19
C TRP B 94 -10.57 -17.67 1.73
N LEU B 95 -10.20 -16.40 1.49
CA LEU B 95 -8.95 -15.83 1.98
C LEU B 95 -8.96 -15.78 3.52
N ARG B 97 -10.61 -17.73 5.60
CA ARG B 97 -10.48 -19.12 6.07
C ARG B 97 -9.01 -19.63 5.93
N ASN B 98 -8.41 -19.43 4.73
CA ASN B 98 -7.11 -20.00 4.39
C ASN B 98 -5.89 -19.25 4.96
N ILE B 99 -6.07 -18.03 5.45
CA ILE B 99 -4.97 -17.31 6.11
C ILE B 99 -4.64 -18.05 7.43
N ARG B 100 -5.70 -18.51 8.14
CA ARG B 100 -5.65 -19.30 9.37
C ARG B 100 -4.92 -20.64 9.12
N VAL B 101 -5.14 -21.25 7.95
CA VAL B 101 -4.54 -22.52 7.54
C VAL B 101 -3.00 -22.44 7.50
N GLU B 102 -2.47 -21.30 7.02
CA GLU B 102 -1.04 -21.04 6.90
C GLU B 102 -0.31 -20.77 8.24
N LEU B 103 -1.04 -20.78 9.37
CA LEU B 103 -0.55 -20.44 10.73
C LEU B 103 0.84 -20.99 11.08
N ASN B 104 1.00 -22.32 11.05
CA ASN B 104 2.25 -22.96 11.45
C ASN B 104 3.17 -23.33 10.28
N HIS B 105 2.83 -22.90 9.06
CA HIS B 105 3.59 -23.30 7.87
C HIS B 105 5.02 -22.83 7.91
N ALA B 106 5.26 -21.60 8.38
CA ALA B 106 6.62 -21.08 8.48
C ALA B 106 7.44 -21.87 9.50
N ASP B 107 6.81 -22.24 10.63
CA ASP B 107 7.45 -23.02 11.69
C ASP B 107 7.83 -24.42 11.19
N TYR B 108 6.97 -25.00 10.31
CA TYR B 108 7.21 -26.30 9.69
C TYR B 108 8.42 -26.22 8.76
N TRP B 109 8.56 -25.10 8.00
CA TRP B 109 9.69 -24.90 7.12
C TRP B 109 10.98 -24.81 7.92
N VAL B 110 10.95 -24.07 9.04
CA VAL B 110 12.11 -23.92 9.92
C VAL B 110 12.55 -25.30 10.46
N ASN B 111 11.56 -26.19 10.73
CA ASN B 111 11.80 -27.53 11.24
C ASN B 111 12.42 -28.44 10.17
N TRP B 112 11.96 -28.31 8.92
CA TRP B 112 12.50 -29.05 7.79
C TRP B 112 13.97 -28.62 7.58
N CYS B 113 14.23 -27.27 7.66
CA CYS B 113 15.54 -26.63 7.53
C CYS B 113 16.51 -27.14 8.58
N ALA B 114 16.02 -27.36 9.82
CA ALA B 114 16.81 -27.84 10.95
C ALA B 114 17.36 -29.25 10.69
N ALA B 115 16.56 -30.11 10.03
CA ALA B 115 16.95 -31.48 9.68
C ALA B 115 18.12 -31.51 8.67
N HIS B 116 18.33 -30.38 7.96
CA HIS B 116 19.41 -30.26 6.98
C HIS B 116 20.47 -29.24 7.41
N ASP B 117 20.50 -28.92 8.71
CA ASP B 117 21.46 -28.01 9.34
C ASP B 117 21.41 -26.58 8.72
N VAL B 118 20.19 -26.10 8.51
CA VAL B 118 19.88 -24.75 8.06
C VAL B 118 19.18 -24.09 9.25
N THR B 119 19.86 -23.12 9.90
CA THR B 119 19.36 -22.41 11.06
C THR B 119 18.37 -21.29 10.67
N LEU B 120 17.64 -20.72 11.66
CA LEU B 120 16.75 -19.60 11.39
C LEU B 120 17.60 -18.39 10.98
N GLU B 121 18.81 -18.29 11.55
CA GLU B 121 19.77 -17.25 11.23
C GLU B 121 20.14 -17.31 9.73
N ASP B 122 20.31 -18.54 9.17
CA ASP B 122 20.59 -18.78 7.75
C ASP B 122 19.46 -18.23 6.90
N LEU B 123 18.20 -18.48 7.33
CA LEU B 123 16.99 -17.99 6.66
C LEU B 123 16.93 -16.47 6.67
N HIS B 124 17.36 -15.82 7.78
CA HIS B 124 17.36 -14.36 7.84
C HIS B 124 18.44 -13.79 6.94
N ASP B 125 19.66 -14.35 6.99
CA ASP B 125 20.86 -13.90 6.25
C ASP B 125 20.71 -13.96 4.74
N GLN B 126 19.98 -14.97 4.22
CA GLN B 126 19.70 -15.21 2.81
C GLN B 126 20.96 -15.08 1.92
N ARG B 127 22.05 -15.76 2.32
CA ARG B 127 23.32 -15.74 1.59
CA ARG B 127 23.33 -15.76 1.61
C ARG B 127 23.26 -16.74 0.41
N VAL B 128 22.29 -16.50 -0.50
CA VAL B 128 22.03 -17.29 -1.72
C VAL B 128 22.04 -16.37 -2.92
N ALA B 129 21.99 -16.96 -4.13
CA ALA B 129 21.95 -16.21 -5.39
C ALA B 129 20.67 -15.37 -5.47
N PRO B 130 20.78 -14.04 -5.79
CA PRO B 130 19.59 -13.18 -5.85
C PRO B 130 18.49 -13.69 -6.79
N GLU B 131 18.85 -14.43 -7.85
CA GLU B 131 17.92 -15.11 -8.77
C GLU B 131 16.78 -15.84 -8.04
N LEU B 132 17.11 -16.51 -6.91
CA LEU B 132 16.17 -17.31 -6.12
C LEU B 132 15.08 -16.48 -5.43
N HIS B 133 15.28 -15.16 -5.32
CA HIS B 133 14.30 -14.30 -4.66
C HIS B 133 13.24 -13.75 -5.61
N ALA B 134 13.39 -13.96 -6.92
CA ALA B 134 12.52 -13.42 -7.96
C ALA B 134 11.05 -13.78 -7.75
N LEU B 135 10.74 -15.06 -7.40
CA LEU B 135 9.37 -15.48 -7.17
C LEU B 135 8.71 -14.61 -6.09
N SER B 136 9.39 -14.40 -4.95
CA SER B 136 8.89 -13.61 -3.83
C SER B 136 8.61 -12.17 -4.24
N HIS B 137 9.50 -11.55 -5.08
CA HIS B 137 9.32 -10.17 -5.55
C HIS B 137 8.10 -10.07 -6.46
N TRP B 138 7.92 -11.09 -7.31
CA TRP B 138 6.78 -11.17 -8.20
C TRP B 138 5.50 -11.34 -7.40
N CYS B 139 5.57 -12.22 -6.39
CA CYS B 139 4.43 -12.47 -5.53
C CYS B 139 4.03 -11.22 -4.84
N TRP B 140 4.99 -10.43 -4.34
CA TRP B 140 4.74 -9.17 -3.69
C TRP B 140 4.03 -8.20 -4.63
N GLN B 141 4.62 -7.93 -5.82
CA GLN B 141 4.06 -7.00 -6.80
C GLN B 141 2.67 -7.37 -7.22
N THR B 142 2.44 -8.66 -7.54
CA THR B 142 1.14 -9.03 -8.03
C THR B 142 0.11 -8.85 -6.89
N SER B 143 0.38 -9.39 -5.72
CA SER B 143 -0.55 -9.28 -4.62
C SER B 143 -0.76 -7.84 -4.21
N SER B 144 0.20 -6.94 -4.51
CA SER B 144 0.12 -5.51 -4.19
C SER B 144 -0.67 -4.69 -5.18
N SER B 145 -0.31 -4.78 -6.48
CA SER B 145 -0.83 -3.90 -7.52
C SER B 145 -1.72 -4.54 -8.59
N ASP B 146 -1.77 -5.87 -8.71
CA ASP B 146 -2.64 -6.45 -9.73
C ASP B 146 -4.04 -6.70 -9.13
N SER B 147 -5.04 -6.99 -10.00
CA SER B 147 -6.40 -7.24 -9.59
C SER B 147 -6.48 -8.49 -8.72
N LEU B 148 -7.57 -8.61 -7.97
CA LEU B 148 -7.83 -9.78 -7.15
C LEU B 148 -7.65 -11.12 -7.96
N ALA B 149 -8.31 -11.20 -9.14
CA ALA B 149 -8.27 -12.35 -10.04
C ALA B 149 -6.86 -12.66 -10.53
N VAL B 150 -6.13 -11.64 -11.00
CA VAL B 150 -4.80 -11.85 -11.56
C VAL B 150 -3.83 -12.29 -10.41
N ALA B 151 -3.91 -11.65 -9.21
CA ALA B 151 -3.03 -12.00 -8.06
C ALA B 151 -3.36 -13.39 -7.47
N ALA B 153 -4.64 -15.87 -9.28
CA ALA B 153 -4.19 -16.76 -10.32
C ALA B 153 -2.69 -17.04 -10.16
N ALA B 154 -1.93 -16.01 -9.82
CA ALA B 154 -0.49 -16.12 -9.66
C ALA B 154 -0.06 -16.79 -8.35
N THR B 155 -0.85 -16.68 -7.27
CA THR B 155 -0.40 -17.18 -5.97
C THR B 155 -1.14 -18.43 -5.48
N ASN B 156 -2.45 -18.26 -5.21
CA ASN B 156 -3.29 -19.32 -4.69
C ASN B 156 -3.50 -20.41 -5.71
N TYR B 157 -3.54 -20.04 -6.99
CA TYR B 157 -3.77 -21.02 -8.02
C TYR B 157 -2.47 -21.64 -8.50
N ALA B 158 -1.55 -20.81 -9.06
CA ALA B 158 -0.31 -21.30 -9.67
C ALA B 158 0.67 -21.90 -8.66
N ILE B 159 1.16 -21.08 -7.68
CA ILE B 159 2.12 -21.51 -6.67
C ILE B 159 1.60 -22.75 -5.91
N GLU B 160 0.45 -22.62 -5.19
CA GLU B 160 -0.10 -23.70 -4.36
C GLU B 160 -0.39 -24.95 -5.18
N GLY B 161 -1.01 -24.78 -6.35
CA GLY B 161 -1.30 -25.88 -7.27
C GLY B 161 -0.06 -26.69 -7.59
N ALA B 162 1.01 -26.02 -8.04
CA ALA B 162 2.28 -26.68 -8.34
C ALA B 162 2.90 -27.31 -7.08
N THR B 163 2.86 -26.59 -5.93
CA THR B 163 3.43 -27.03 -4.64
C THR B 163 2.84 -28.37 -4.22
N GLY B 164 1.52 -28.52 -4.32
CA GLY B 164 0.83 -29.76 -4.00
C GLY B 164 1.30 -30.93 -4.87
N GLU B 165 1.52 -30.65 -6.16
CA GLU B 165 1.96 -31.67 -7.10
C GLU B 165 3.42 -32.10 -6.89
N TRP B 166 4.37 -31.16 -6.67
CA TRP B 166 5.76 -31.55 -6.50
C TRP B 166 6.03 -32.13 -5.12
N SER B 167 5.30 -31.66 -4.06
CA SER B 167 5.48 -32.22 -2.71
C SER B 167 4.99 -33.66 -2.68
N ALA B 168 3.97 -33.98 -3.52
CA ALA B 168 3.46 -35.34 -3.67
C ALA B 168 4.53 -36.23 -4.32
N VAL B 169 5.22 -35.70 -5.37
CA VAL B 169 6.31 -36.40 -6.05
C VAL B 169 7.41 -36.75 -5.04
N VAL B 170 7.83 -35.75 -4.23
CA VAL B 170 8.90 -35.87 -3.24
C VAL B 170 8.54 -36.94 -2.17
N CYS B 171 7.26 -37.08 -1.78
CA CYS B 171 6.81 -38.03 -0.75
C CYS B 171 6.36 -39.40 -1.30
N SER B 172 6.20 -39.50 -2.64
CA SER B 172 5.68 -40.66 -3.34
C SER B 172 6.38 -42.03 -3.07
N THR B 173 7.69 -42.07 -2.73
CA THR B 173 8.38 -43.37 -2.55
C THR B 173 8.61 -43.76 -1.08
N GLY B 174 8.72 -42.76 -0.21
CA GLY B 174 9.00 -42.98 1.21
C GLY B 174 10.49 -43.00 1.50
N VAL B 175 11.34 -43.02 0.44
CA VAL B 175 12.81 -43.07 0.52
C VAL B 175 13.34 -41.83 1.22
N TYR B 176 12.86 -40.62 0.81
CA TYR B 176 13.27 -39.36 1.42
C TYR B 176 12.98 -39.33 2.92
N ALA B 177 11.77 -39.74 3.32
CA ALA B 177 11.38 -39.76 4.73
C ALA B 177 12.24 -40.74 5.55
N GLU B 178 12.52 -41.95 5.00
CA GLU B 178 13.33 -43.00 5.62
C GLU B 178 14.77 -42.54 5.89
N ALA B 179 15.26 -41.53 5.13
CA ALA B 179 16.59 -40.94 5.29
C ALA B 179 16.73 -40.16 6.62
N PHE B 180 15.61 -39.75 7.24
CA PHE B 180 15.61 -39.02 8.50
C PHE B 180 15.50 -39.99 9.67
N ALA B 181 15.95 -39.56 10.86
CA ALA B 181 15.87 -40.34 12.09
C ALA B 181 14.41 -40.52 12.49
N GLU B 182 14.02 -41.77 12.86
CA GLU B 182 12.66 -42.19 13.25
C GLU B 182 12.02 -41.18 14.23
N GLU B 183 12.75 -40.84 15.30
CA GLU B 183 12.41 -39.94 16.39
C GLU B 183 12.00 -38.51 15.92
N THR B 184 12.73 -37.94 14.94
CA THR B 184 12.51 -36.57 14.48
C THR B 184 11.85 -36.49 13.10
N ARG B 185 11.59 -37.63 12.45
CA ARG B 185 11.00 -37.76 11.11
C ARG B 185 9.70 -36.95 10.93
N LYS B 186 8.69 -37.19 11.81
CA LYS B 186 7.39 -36.52 11.78
C LYS B 186 7.52 -34.97 11.78
N LYS B 187 8.36 -34.42 12.66
CA LYS B 187 8.65 -32.98 12.82
C LYS B 187 9.31 -32.38 11.55
N SER B 188 10.26 -33.12 10.98
CA SER B 188 11.04 -32.71 9.81
C SER B 188 10.22 -32.80 8.51
N LYS B 190 6.93 -32.66 8.34
CA LYS B 190 5.67 -31.97 8.54
C LYS B 190 5.30 -31.03 7.41
N TRP B 191 6.22 -30.12 6.98
CA TRP B 191 5.89 -29.18 5.90
C TRP B 191 5.48 -29.92 4.63
N LEU B 192 6.26 -30.95 4.25
CA LEU B 192 5.99 -31.73 3.03
C LEU B 192 4.68 -32.48 3.15
N LYS B 193 4.49 -33.20 4.28
CA LYS B 193 3.30 -33.97 4.60
C LYS B 193 2.05 -33.10 4.54
N HIS B 195 1.53 -30.38 2.74
CA HIS B 195 1.26 -29.91 1.40
C HIS B 195 0.83 -31.03 0.48
N ALA B 196 1.51 -32.19 0.55
CA ALA B 196 1.20 -33.35 -0.28
C ALA B 196 -0.19 -34.00 0.08
N GLN B 197 -0.52 -34.12 1.37
CA GLN B 197 -1.77 -34.71 1.89
C GLN B 197 -2.99 -33.75 1.78
N TYR B 198 -2.73 -32.42 1.63
CA TYR B 198 -3.78 -31.39 1.52
C TYR B 198 -4.70 -31.67 0.34
N ASP B 199 -6.05 -31.47 0.55
CA ASP B 199 -7.10 -31.67 -0.46
C ASP B 199 -6.62 -31.08 -1.77
N ASP B 200 -6.40 -31.95 -2.77
CA ASP B 200 -5.88 -31.52 -4.06
C ASP B 200 -6.83 -30.47 -4.75
N ALA B 201 -7.95 -30.14 -4.08
CA ALA B 201 -9.02 -29.24 -4.54
C ALA B 201 -8.77 -27.75 -4.22
N HIS B 202 -7.80 -27.41 -3.35
CA HIS B 202 -7.47 -26.03 -2.98
C HIS B 202 -7.22 -25.15 -4.25
N PRO B 203 -6.36 -25.51 -5.26
CA PRO B 203 -6.19 -24.62 -6.44
C PRO B 203 -7.47 -24.50 -7.26
N TRP B 204 -8.32 -25.57 -7.21
CA TRP B 204 -9.61 -25.62 -7.90
C TRP B 204 -10.55 -24.65 -7.22
N GLU B 205 -10.45 -24.50 -5.88
CA GLU B 205 -11.28 -23.54 -5.13
C GLU B 205 -10.94 -22.15 -5.64
N ALA B 206 -9.62 -21.86 -5.69
CA ALA B 206 -9.06 -20.62 -6.21
C ALA B 206 -9.47 -20.42 -7.68
N LEU B 207 -9.39 -21.48 -8.55
CA LEU B 207 -9.76 -21.34 -9.97
C LEU B 207 -11.25 -20.94 -10.12
N GLU B 208 -12.13 -21.54 -9.30
CA GLU B 208 -13.56 -21.23 -9.24
C GLU B 208 -13.80 -19.75 -8.90
N ILE B 209 -13.04 -19.20 -7.91
CA ILE B 209 -13.18 -17.80 -7.51
C ILE B 209 -12.75 -16.87 -8.66
N ILE B 210 -11.62 -17.17 -9.30
CA ILE B 210 -11.10 -16.41 -10.43
C ILE B 210 -12.16 -16.35 -11.52
N CYS B 211 -12.74 -17.51 -11.86
CA CYS B 211 -13.75 -17.62 -12.91
C CYS B 211 -15.02 -16.84 -12.57
N THR B 212 -15.45 -16.88 -11.30
CA THR B 212 -16.60 -16.15 -10.81
C THR B 212 -16.33 -14.63 -10.86
N LEU B 213 -15.06 -14.22 -10.67
CA LEU B 213 -14.69 -12.79 -10.69
C LEU B 213 -14.75 -12.20 -12.11
N VAL B 214 -14.06 -12.85 -13.05
CA VAL B 214 -13.94 -12.43 -14.45
C VAL B 214 -15.21 -12.74 -15.32
N GLY B 215 -15.98 -13.76 -14.97
CA GLY B 215 -17.16 -14.18 -15.72
C GLY B 215 -16.86 -15.12 -16.88
N ASN B 216 -17.88 -15.40 -17.69
CA ASN B 216 -17.80 -16.30 -18.84
C ASN B 216 -17.20 -15.65 -20.09
N LYS B 217 -17.29 -14.30 -20.20
CA LYS B 217 -16.81 -13.60 -21.37
C LYS B 217 -15.80 -12.50 -20.98
N PRO B 218 -14.62 -12.84 -20.42
CA PRO B 218 -13.65 -11.78 -20.09
C PRO B 218 -12.93 -11.29 -21.35
N SER B 219 -12.46 -10.04 -21.35
CA SER B 219 -11.73 -9.47 -22.49
C SER B 219 -10.49 -10.29 -22.82
N LEU B 220 -10.03 -10.22 -24.08
CA LEU B 220 -8.83 -10.95 -24.46
C LEU B 220 -7.62 -10.43 -23.71
N GLN B 221 -7.61 -9.12 -23.39
CA GLN B 221 -6.57 -8.45 -22.63
C GLN B 221 -6.49 -9.04 -21.20
N LEU B 222 -7.64 -9.22 -20.54
CA LEU B 222 -7.73 -9.80 -19.19
C LEU B 222 -7.28 -11.28 -19.21
N GLN B 223 -7.67 -12.01 -20.26
CA GLN B 223 -7.31 -13.42 -20.46
C GLN B 223 -5.82 -13.56 -20.55
N ALA B 224 -5.18 -12.68 -21.34
CA ALA B 224 -3.73 -12.64 -21.54
C ALA B 224 -3.01 -12.33 -20.23
N GLU B 225 -3.57 -11.39 -19.45
CA GLU B 225 -3.04 -10.95 -18.16
C GLU B 225 -3.04 -12.12 -17.18
N LEU B 226 -4.15 -12.89 -17.18
CA LEU B 226 -4.31 -14.09 -16.35
C LEU B 226 -3.30 -15.17 -16.77
N ARG B 227 -3.18 -15.41 -18.08
CA ARG B 227 -2.26 -16.41 -18.64
C ARG B 227 -0.80 -16.03 -18.29
N GLN B 228 -0.39 -14.77 -18.61
CA GLN B 228 0.96 -14.27 -18.30
C GLN B 228 1.30 -14.38 -16.78
N ALA B 229 0.34 -14.04 -15.87
CA ALA B 229 0.56 -14.11 -14.40
C ALA B 229 0.82 -15.56 -13.93
N VAL B 230 0.01 -16.52 -14.39
CA VAL B 230 0.14 -17.94 -14.04
C VAL B 230 1.50 -18.46 -14.59
N THR B 231 1.80 -18.16 -15.85
CA THR B 231 3.04 -18.57 -16.50
C THR B 231 4.27 -17.99 -15.79
N LYS B 232 4.23 -16.70 -15.42
CA LYS B 232 5.33 -16.04 -14.72
C LYS B 232 5.66 -16.75 -13.41
N SER B 233 4.63 -17.15 -12.64
CA SER B 233 4.82 -17.86 -11.39
C SER B 233 5.50 -19.19 -11.62
N TYR B 234 5.01 -19.98 -12.59
CA TYR B 234 5.61 -21.28 -12.95
C TYR B 234 7.05 -21.09 -13.48
N ASP B 235 7.28 -20.10 -14.35
CA ASP B 235 8.60 -19.83 -14.91
C ASP B 235 9.62 -19.43 -13.83
N TYR B 236 9.23 -18.57 -12.86
CA TYR B 236 10.13 -18.18 -11.78
C TYR B 236 10.47 -19.36 -10.90
N TYR B 238 10.58 -22.50 -12.06
CA TYR B 238 11.48 -23.29 -12.87
C TYR B 238 12.91 -22.71 -12.81
N LEU B 239 13.04 -21.38 -12.93
CA LEU B 239 14.33 -20.70 -12.91
C LEU B 239 15.02 -20.87 -11.55
N PHE B 240 14.23 -20.88 -10.46
CA PHE B 240 14.71 -21.13 -9.11
C PHE B 240 15.31 -22.56 -9.03
N LEU B 241 14.59 -23.55 -9.59
CA LEU B 241 14.99 -24.94 -9.59
C LEU B 241 16.27 -25.13 -10.41
N GLU B 242 16.33 -24.46 -11.57
CA GLU B 242 17.49 -24.52 -12.45
C GLU B 242 18.72 -23.92 -11.80
N ARG B 243 18.53 -22.85 -11.00
CA ARG B 243 19.61 -22.18 -10.31
C ARG B 243 20.17 -23.08 -9.20
N CYS B 244 19.32 -23.77 -8.41
CA CYS B 244 19.76 -24.70 -7.33
C CYS B 244 20.53 -25.89 -7.91
N ILE B 245 20.02 -26.47 -8.99
CA ILE B 245 20.62 -27.64 -9.62
C ILE B 245 21.97 -27.28 -10.27
N GLN B 246 22.22 -25.98 -10.63
CA GLN B 246 23.47 -25.53 -11.24
C GLN B 246 24.65 -25.66 -10.24
N LEU B 247 24.36 -25.49 -8.92
CA LEU B 247 25.30 -25.58 -7.78
C LEU B 247 25.70 -27.04 -7.50
N ASP C 4 -19.23 7.17 -23.74
CA ASP C 4 -18.41 7.79 -24.77
C ASP C 4 -17.27 8.65 -24.15
N THR C 5 -16.22 8.90 -24.97
CA THR C 5 -14.98 9.61 -24.60
C THR C 5 -15.19 11.13 -24.49
N PHE C 6 -14.58 11.75 -23.45
CA PHE C 6 -14.64 13.21 -23.24
C PHE C 6 -13.39 13.92 -23.78
N GLU C 7 -13.62 15.02 -24.46
CA GLU C 7 -12.62 15.91 -25.03
C GLU C 7 -13.12 17.34 -24.86
N ARG C 8 -12.40 18.13 -24.06
CA ARG C 8 -12.76 19.51 -23.75
C ARG C 8 -12.64 20.39 -24.98
N THR C 9 -13.71 21.15 -25.24
CA THR C 9 -13.78 22.05 -26.38
C THR C 9 -13.68 23.51 -25.91
N GLY C 10 -14.51 23.85 -24.91
CA GLY C 10 -14.60 25.18 -24.35
C GLY C 10 -13.48 25.55 -23.40
N PRO C 11 -13.47 26.81 -22.89
CA PRO C 11 -12.41 27.24 -21.96
C PRO C 11 -12.36 26.39 -20.69
N LEU C 12 -11.13 26.12 -20.22
CA LEU C 12 -10.82 25.29 -19.08
C LEU C 12 -11.53 25.70 -17.78
N GLU C 14 -14.53 27.14 -17.19
CA GLU C 14 -15.98 27.31 -17.28
C GLU C 14 -16.67 25.98 -17.13
N ALA C 15 -17.62 25.88 -16.19
CA ALA C 15 -18.42 24.66 -15.94
C ALA C 15 -19.07 24.13 -17.22
N SER C 16 -19.52 25.04 -18.11
CA SER C 16 -20.19 24.81 -19.39
C SER C 16 -19.35 23.97 -20.39
N SER C 17 -18.03 23.93 -20.18
CA SER C 17 -17.09 23.20 -21.04
C SER C 17 -17.00 21.70 -20.68
N TYR C 18 -17.67 21.28 -19.58
CA TYR C 18 -17.59 19.89 -19.09
C TYR C 18 -18.91 19.12 -19.33
N PRO C 19 -18.93 17.76 -19.20
CA PRO C 19 -20.18 17.05 -19.48
C PRO C 19 -21.28 17.46 -18.52
N ALA C 20 -22.53 17.31 -18.98
CA ALA C 20 -23.73 17.65 -18.24
C ALA C 20 -23.75 17.06 -16.81
N TRP C 21 -23.31 15.79 -16.63
CA TRP C 21 -23.29 15.14 -15.31
C TRP C 21 -22.34 15.92 -14.37
N ALA C 22 -21.21 16.45 -14.92
CA ALA C 22 -20.21 17.21 -14.16
C ALA C 22 -20.77 18.56 -13.77
N GLN C 23 -21.53 19.20 -14.67
CA GLN C 23 -22.16 20.49 -14.37
C GLN C 23 -23.17 20.32 -13.26
N GLN C 24 -23.95 19.24 -13.32
CA GLN C 24 -24.90 18.86 -12.32
C GLN C 24 -24.20 18.64 -10.97
N LEU C 25 -23.04 17.94 -10.97
CA LEU C 25 -22.24 17.70 -9.77
C LEU C 25 -21.79 19.05 -9.16
N ILE C 26 -21.32 19.99 -9.99
CA ILE C 26 -20.89 21.31 -9.50
C ILE C 26 -22.05 22.03 -8.78
N ASN C 27 -23.25 22.05 -9.38
CA ASN C 27 -24.44 22.67 -8.80
C ASN C 27 -24.87 21.97 -7.50
N ASP C 28 -24.85 20.62 -7.48
CA ASP C 28 -25.23 19.83 -6.32
C ASP C 28 -24.29 20.08 -5.11
N CYS C 29 -22.99 20.28 -5.37
CA CYS C 29 -21.98 20.45 -4.34
C CYS C 29 -21.72 21.95 -4.01
N SER C 30 -22.29 22.90 -4.76
CA SER C 30 -22.05 24.33 -4.55
C SER C 30 -22.47 24.81 -3.13
N PRO C 31 -23.63 24.40 -2.55
CA PRO C 31 -23.95 24.87 -1.19
C PRO C 31 -22.92 24.40 -0.13
N ALA C 32 -22.40 23.13 -0.25
CA ALA C 32 -21.37 22.55 0.63
C ALA C 32 -20.04 23.32 0.49
N LYS C 33 -19.70 23.75 -0.74
CA LYS C 33 -18.50 24.57 -0.99
C LYS C 33 -18.66 25.95 -0.35
N ALA C 34 -19.86 26.56 -0.49
CA ALA C 34 -20.18 27.90 0.03
C ALA C 34 -20.07 27.96 1.57
N ARG C 35 -20.52 26.90 2.27
CA ARG C 35 -20.45 26.80 3.74
C ARG C 35 -19.03 27.00 4.24
N VAL C 36 -18.03 26.49 3.46
CA VAL C 36 -16.60 26.57 3.73
C VAL C 36 -16.05 27.97 3.37
N VAL C 37 -16.19 28.36 2.10
CA VAL C 37 -15.64 29.60 1.54
C VAL C 37 -16.23 30.85 2.23
N GLU C 38 -17.54 30.85 2.48
CA GLU C 38 -18.21 32.00 3.09
C GLU C 38 -18.21 31.91 4.63
N HIS C 39 -17.44 30.95 5.22
CA HIS C 39 -17.40 30.74 6.66
C HIS C 39 -16.89 31.98 7.42
N GLU C 40 -17.53 32.20 8.59
CA GLU C 40 -17.30 33.26 9.58
C GLU C 40 -15.81 33.35 10.00
N LEU C 41 -15.14 32.18 10.17
CA LEU C 41 -13.73 32.09 10.54
C LEU C 41 -12.86 32.90 9.57
N TYR C 42 -13.00 32.68 8.25
CA TYR C 42 -12.21 33.37 7.22
C TYR C 42 -12.54 34.86 7.17
N GLN C 43 -13.80 35.23 7.43
CA GLN C 43 -14.23 36.62 7.44
C GLN C 43 -13.57 37.36 8.60
N GLN C 44 -13.50 36.71 9.78
CA GLN C 44 -12.83 37.24 10.98
C GLN C 44 -11.31 37.36 10.75
N ARG C 46 -9.69 37.60 7.79
CA ARG C 46 -9.58 38.65 6.75
C ARG C 46 -9.45 40.04 7.39
N ASP C 47 -10.27 40.28 8.43
CA ASP C 47 -10.36 41.54 9.14
C ASP C 47 -9.44 41.61 10.36
N ALA C 48 -8.52 40.63 10.52
CA ALA C 48 -7.58 40.50 11.64
C ALA C 48 -8.34 40.63 13.00
N LYS C 49 -9.52 39.99 13.07
CA LYS C 49 -10.40 39.98 14.25
C LYS C 49 -10.54 38.58 14.82
N LEU C 50 -9.85 37.60 14.23
CA LEU C 50 -9.93 36.20 14.67
C LEU C 50 -9.06 35.99 15.88
N SER C 51 -9.66 35.47 16.96
CA SER C 51 -8.99 35.17 18.20
C SER C 51 -7.75 34.29 18.00
N PRO C 52 -6.60 34.68 18.60
CA PRO C 52 -5.39 33.86 18.50
C PRO C 52 -5.60 32.42 18.99
N GLN C 53 -6.58 32.20 19.88
CA GLN C 53 -6.97 30.86 20.36
C GLN C 53 -7.47 29.99 19.20
N ILE C 54 -8.36 30.56 18.34
CA ILE C 54 -8.93 29.88 17.18
C ILE C 54 -7.83 29.73 16.11
N ARG C 56 -4.67 29.47 16.45
CA ARG C 56 -3.73 28.44 16.90
C ARG C 56 -4.25 27.05 16.52
N GLN C 57 -5.53 26.74 16.85
CA GLN C 57 -6.16 25.45 16.54
C GLN C 57 -6.18 25.23 15.02
N TYR C 58 -6.47 26.29 14.26
CA TYR C 58 -6.54 26.29 12.82
C TYR C 58 -5.19 25.88 12.21
N LEU C 59 -4.13 26.60 12.60
CA LEU C 59 -2.78 26.40 12.12
C LEU C 59 -2.24 25.02 12.49
N ILE C 60 -2.48 24.55 13.73
CA ILE C 60 -2.02 23.23 14.14
C ILE C 60 -2.84 22.13 13.40
N GLY C 61 -4.17 22.19 13.49
CA GLY C 61 -5.07 21.22 12.85
C GLY C 61 -4.98 21.14 11.33
N GLY C 62 -4.68 22.27 10.71
CA GLY C 62 -4.55 22.34 9.26
C GLY C 62 -3.28 21.71 8.72
N TRP C 63 -2.25 21.57 9.58
CA TRP C 63 -0.94 21.02 9.21
C TRP C 63 -1.01 19.62 8.54
N PRO C 64 -1.72 18.61 9.10
CA PRO C 64 -1.71 17.28 8.50
C PRO C 64 -2.06 17.23 6.99
N VAL C 65 -3.07 17.95 6.52
CA VAL C 65 -3.41 17.94 5.10
C VAL C 65 -2.29 18.67 4.29
N VAL C 66 -1.75 19.76 4.84
CA VAL C 66 -0.68 20.54 4.21
C VAL C 66 0.59 19.69 4.09
N GLU C 67 0.99 19.05 5.17
CA GLU C 67 2.18 18.20 5.19
C GLU C 67 2.06 17.01 4.21
N GLN C 68 0.88 16.37 4.13
CA GLN C 68 0.73 15.16 3.32
C GLN C 68 0.12 15.37 1.92
N PHE C 69 -0.16 16.63 1.52
CA PHE C 69 -0.77 16.89 0.22
C PHE C 69 -0.04 16.26 -0.98
N ALA C 70 1.32 16.27 -0.97
CA ALA C 70 2.13 15.67 -2.02
C ALA C 70 2.10 14.15 -1.92
N VAL C 71 1.97 13.59 -0.68
CA VAL C 71 1.86 12.15 -0.43
C VAL C 71 0.53 11.64 -1.05
N TYR C 72 -0.55 12.46 -1.01
CA TYR C 72 -1.81 12.04 -1.64
C TYR C 72 -1.64 11.88 -3.14
N ALA C 74 1.25 11.49 -4.69
CA ALA C 74 2.17 10.39 -4.91
C ALA C 74 1.40 9.09 -4.94
N LYS C 75 0.46 8.90 -3.99
CA LYS C 75 -0.37 7.69 -3.93
C LYS C 75 -1.26 7.57 -5.15
N ASN C 76 -1.74 8.70 -5.68
CA ASN C 76 -2.61 8.69 -6.85
C ASN C 76 -1.82 8.36 -8.09
N LEU C 77 -0.56 8.84 -8.15
CA LEU C 77 0.36 8.58 -9.26
C LEU C 77 0.63 7.07 -9.38
N THR C 78 0.72 6.35 -8.25
CA THR C 78 0.96 4.90 -8.25
C THR C 78 -0.22 4.12 -8.92
N LYS C 79 -1.38 4.77 -9.10
CA LYS C 79 -2.57 4.17 -9.73
C LYS C 79 -2.51 4.22 -11.28
N THR C 80 -1.57 5.04 -11.80
CA THR C 80 -1.42 5.26 -13.23
C THR C 80 -0.43 4.30 -13.88
N ARG C 81 -0.64 4.12 -15.18
CA ARG C 81 0.14 3.33 -16.11
C ARG C 81 0.19 4.11 -17.41
N PHE C 82 1.30 3.97 -18.13
CA PHE C 82 1.50 4.70 -19.37
C PHE C 82 0.74 4.06 -20.54
N GLY C 83 0.15 4.90 -21.37
CA GLY C 83 -0.56 4.50 -22.59
C GLY C 83 -1.73 3.55 -22.43
N ARG C 84 -2.31 3.49 -21.22
CA ARG C 84 -3.43 2.63 -20.90
C ARG C 84 -4.75 3.33 -21.31
N HIS C 85 -4.89 4.61 -20.93
CA HIS C 85 -6.07 5.44 -21.18
C HIS C 85 -5.65 6.91 -21.33
N PRO C 86 -6.32 7.72 -22.19
CA PRO C 86 -5.92 9.15 -22.33
C PRO C 86 -5.98 9.95 -21.04
N GLY C 87 -7.01 9.68 -20.22
CA GLY C 87 -7.23 10.31 -18.92
C GLY C 87 -6.12 9.99 -17.94
N GLU C 88 -5.63 8.73 -18.00
CA GLU C 88 -4.53 8.22 -17.17
C GLU C 88 -3.22 8.87 -17.55
N ASP C 89 -3.00 9.11 -18.84
CA ASP C 89 -1.78 9.73 -19.31
C ASP C 89 -1.75 11.18 -18.88
N ALA C 91 -3.36 12.41 -16.13
CA ALA C 91 -3.18 12.30 -14.68
C ALA C 91 -1.72 12.08 -14.34
N ARG C 92 -1.07 11.11 -15.02
N ARG C 92 -1.05 11.10 -15.00
CA ARG C 92 0.35 10.76 -14.86
CA ARG C 92 0.37 10.79 -14.78
C ARG C 92 1.21 12.03 -14.89
C ARG C 92 1.22 12.07 -14.86
N ARG C 93 1.19 12.75 -16.03
CA ARG C 93 1.91 14.00 -16.31
C ARG C 93 1.59 15.09 -15.32
N TRP C 94 0.31 15.31 -15.06
CA TRP C 94 -0.14 16.38 -14.18
C TRP C 94 0.35 16.18 -12.76
N LEU C 95 0.17 14.96 -12.24
CA LEU C 95 0.60 14.59 -10.92
C LEU C 95 2.12 14.74 -10.80
N ARG C 97 4.17 16.73 -12.55
CA ARG C 97 4.43 18.17 -12.56
C ARG C 97 4.09 18.82 -11.22
N ASN C 98 2.88 18.57 -10.67
CA ASN C 98 2.35 19.25 -9.49
C ASN C 98 2.89 18.79 -8.16
N ILE C 99 3.53 17.59 -8.10
CA ILE C 99 4.18 17.12 -6.87
C ILE C 99 5.34 18.10 -6.57
N ARG C 100 6.09 18.50 -7.63
CA ARG C 100 7.23 19.43 -7.59
C ARG C 100 6.77 20.81 -7.11
N VAL C 101 5.58 21.24 -7.52
CA VAL C 101 4.96 22.51 -7.15
C VAL C 101 4.77 22.62 -5.61
N GLU C 102 4.42 21.52 -4.94
CA GLU C 102 4.19 21.48 -3.49
C GLU C 102 5.50 21.45 -2.66
N LEU C 103 6.67 21.52 -3.31
CA LEU C 103 7.99 21.44 -2.67
C LEU C 103 8.11 22.26 -1.36
N ASN C 104 7.90 23.57 -1.42
CA ASN C 104 8.10 24.45 -0.27
C ASN C 104 6.82 24.78 0.49
N HIS C 105 5.70 24.15 0.13
CA HIS C 105 4.40 24.47 0.73
C HIS C 105 4.37 24.20 2.22
N ALA C 106 4.99 23.08 2.66
CA ALA C 106 5.05 22.76 4.08
C ALA C 106 5.90 23.77 4.84
N ASP C 107 7.01 24.21 4.24
CA ASP C 107 7.91 25.22 4.82
C ASP C 107 7.19 26.57 4.96
N TYR C 108 6.33 26.91 3.97
CA TYR C 108 5.51 28.13 3.99
C TYR C 108 4.52 28.07 5.14
N TRP C 109 3.89 26.90 5.38
CA TRP C 109 2.96 26.72 6.47
C TRP C 109 3.67 26.90 7.83
N VAL C 110 4.86 26.32 7.96
CA VAL C 110 5.67 26.43 9.18
C VAL C 110 5.99 27.90 9.45
N ASN C 111 6.22 28.67 8.37
CA ASN C 111 6.53 30.12 8.44
C ASN C 111 5.33 30.94 8.86
N TRP C 112 4.13 30.59 8.36
CA TRP C 112 2.88 31.23 8.74
C TRP C 112 2.64 30.99 10.23
N CYS C 113 2.91 29.77 10.68
CA CYS C 113 2.74 29.31 12.05
C CYS C 113 3.63 30.07 12.97
N ALA C 114 4.88 30.29 12.55
CA ALA C 114 5.88 31.00 13.31
C ALA C 114 5.44 32.44 13.65
N ALA C 115 4.70 33.08 12.73
CA ALA C 115 4.18 34.42 12.91
C ALA C 115 3.10 34.47 14.03
N HIS C 116 2.52 33.31 14.37
CA HIS C 116 1.52 33.22 15.41
C HIS C 116 2.03 32.43 16.65
N ASP C 117 3.36 32.25 16.74
CA ASP C 117 4.06 31.53 17.80
C ASP C 117 3.60 30.06 17.92
N VAL C 118 3.45 29.41 16.74
CA VAL C 118 3.15 27.98 16.61
C VAL C 118 4.45 27.35 15.99
N THR C 119 5.15 26.56 16.81
CA THR C 119 6.44 25.94 16.49
C THR C 119 6.23 24.66 15.70
N LEU C 120 7.31 24.12 15.11
CA LEU C 120 7.24 22.86 14.37
C LEU C 120 6.91 21.74 15.36
N GLU C 121 7.39 21.89 16.63
CA GLU C 121 7.11 20.95 17.72
C GLU C 121 5.62 20.89 17.98
N ASP C 122 4.92 22.05 17.93
CA ASP C 122 3.45 22.16 18.09
C ASP C 122 2.75 21.37 17.02
N LEU C 123 3.23 21.49 15.76
CA LEU C 123 2.72 20.77 14.60
C LEU C 123 2.92 19.25 14.75
N HIS C 124 4.06 18.81 15.33
CA HIS C 124 4.29 17.38 15.56
C HIS C 124 3.37 16.85 16.65
N ASP C 125 3.26 17.58 17.78
CA ASP C 125 2.48 17.20 18.97
C ASP C 125 0.98 17.06 18.70
N GLN C 126 0.42 17.89 17.79
CA GLN C 126 -0.99 17.94 17.38
C GLN C 126 -1.96 17.90 18.58
N ARG C 127 -1.76 18.81 19.55
CA ARG C 127 -2.58 18.85 20.77
C ARG C 127 -3.85 19.64 20.47
N VAL C 128 -4.66 19.09 19.54
CA VAL C 128 -5.93 19.65 19.07
C VAL C 128 -6.99 18.57 19.11
N ALA C 129 -8.25 18.99 18.94
CA ALA C 129 -9.41 18.10 18.91
C ALA C 129 -9.30 17.10 17.76
N PRO C 130 -9.46 15.78 18.03
CA PRO C 130 -9.30 14.77 16.95
C PRO C 130 -10.20 15.03 15.74
N GLU C 131 -11.36 15.69 15.92
CA GLU C 131 -12.30 16.12 14.85
C GLU C 131 -11.56 16.79 13.68
N LEU C 132 -10.53 17.62 14.01
CA LEU C 132 -9.78 18.39 13.02
C LEU C 132 -8.92 17.53 12.10
N HIS C 133 -8.66 16.27 12.48
CA HIS C 133 -7.83 15.37 11.68
C HIS C 133 -8.60 14.56 10.66
N ALA C 134 -9.94 14.63 10.68
CA ALA C 134 -10.84 13.84 9.83
C ALA C 134 -10.55 14.06 8.34
N LEU C 135 -10.34 15.31 7.90
CA LEU C 135 -10.05 15.59 6.50
C LEU C 135 -8.80 14.83 6.03
N SER C 136 -7.71 14.87 6.81
CA SER C 136 -6.46 14.17 6.50
C SER C 136 -6.66 12.64 6.40
N HIS C 137 -7.46 12.04 7.31
CA HIS C 137 -7.74 10.59 7.28
C HIS C 137 -8.56 10.21 6.05
N TRP C 138 -9.48 11.10 5.65
CA TRP C 138 -10.30 10.91 4.46
C TRP C 138 -9.41 10.99 3.24
N CYS C 139 -8.50 11.97 3.22
CA CYS C 139 -7.56 12.17 2.14
C CYS C 139 -6.71 10.96 2.00
N TRP C 140 -6.20 10.43 3.12
CA TRP C 140 -5.39 9.22 3.10
C TRP C 140 -6.16 8.05 2.46
N GLN C 141 -7.35 7.72 2.98
CA GLN C 141 -8.14 6.60 2.48
C GLN C 141 -8.48 6.73 1.00
N THR C 142 -8.96 7.90 0.56
CA THR C 142 -9.40 8.03 -0.81
C THR C 142 -8.21 7.85 -1.77
N SER C 143 -7.09 8.46 -1.46
CA SER C 143 -5.90 8.42 -2.31
C SER C 143 -5.21 7.07 -2.19
N SER C 144 -5.52 6.27 -1.15
CA SER C 144 -5.00 4.90 -0.98
C SER C 144 -5.81 3.87 -1.75
N SER C 145 -7.15 3.85 -1.54
CA SER C 145 -8.04 2.82 -2.02
C SER C 145 -9.10 3.21 -3.06
N ASP C 146 -9.39 4.49 -3.27
CA ASP C 146 -10.45 4.79 -4.25
C ASP C 146 -9.88 4.86 -5.66
N SER C 147 -10.76 4.88 -6.68
CA SER C 147 -10.31 5.02 -8.06
C SER C 147 -9.58 6.38 -8.21
N LEU C 148 -8.78 6.53 -9.27
CA LEU C 148 -8.02 7.74 -9.53
C LEU C 148 -8.92 8.95 -9.63
N ALA C 149 -10.03 8.83 -10.38
CA ALA C 149 -10.98 9.92 -10.59
C ALA C 149 -11.59 10.38 -9.30
N VAL C 150 -12.03 9.43 -8.46
CA VAL C 150 -12.71 9.67 -7.22
C VAL C 150 -11.78 10.40 -6.28
N ALA C 151 -10.56 9.87 -6.10
CA ALA C 151 -9.54 10.42 -5.22
C ALA C 151 -9.14 11.87 -5.63
N ALA C 153 -11.04 13.94 -7.31
CA ALA C 153 -12.24 14.76 -7.10
C ALA C 153 -12.28 15.26 -5.67
N ALA C 154 -11.81 14.46 -4.72
CA ALA C 154 -11.85 14.78 -3.30
C ALA C 154 -10.65 15.64 -2.84
N THR C 155 -9.52 15.54 -3.52
CA THR C 155 -8.30 16.22 -3.11
C THR C 155 -7.98 17.41 -4.01
N ASN C 156 -7.40 17.18 -5.18
CA ASN C 156 -7.00 18.26 -6.11
C ASN C 156 -8.17 19.11 -6.60
N TYR C 157 -9.37 18.51 -6.73
CA TYR C 157 -10.51 19.28 -7.18
C TYR C 157 -11.19 20.01 -6.00
N ALA C 158 -11.70 19.26 -5.00
CA ALA C 158 -12.44 19.81 -3.88
C ALA C 158 -11.56 20.62 -2.93
N ILE C 159 -10.50 20.00 -2.37
CA ILE C 159 -9.64 20.69 -1.39
C ILE C 159 -9.00 21.92 -2.04
N GLU C 160 -8.19 21.75 -3.11
CA GLU C 160 -7.46 22.87 -3.71
C GLU C 160 -8.39 23.94 -4.29
N GLY C 161 -9.58 23.54 -4.76
CA GLY C 161 -10.60 24.45 -5.26
C GLY C 161 -11.12 25.38 -4.17
N ALA C 162 -11.57 24.79 -3.06
CA ALA C 162 -12.07 25.56 -1.92
C ALA C 162 -10.95 26.42 -1.28
N THR C 163 -9.72 25.86 -1.15
CA THR C 163 -8.56 26.53 -0.56
C THR C 163 -8.24 27.83 -1.31
N GLY C 164 -8.27 27.79 -2.64
CA GLY C 164 -8.03 28.97 -3.45
C GLY C 164 -9.04 30.08 -3.20
N GLU C 165 -10.30 29.67 -3.04
CA GLU C 165 -11.39 30.62 -2.82
C GLU C 165 -11.35 31.26 -1.43
N TRP C 166 -11.12 30.48 -0.34
CA TRP C 166 -11.10 31.07 1.01
C TRP C 166 -9.81 31.84 1.28
N SER C 167 -8.67 31.43 0.68
CA SER C 167 -7.41 32.17 0.86
C SER C 167 -7.50 33.53 0.20
N ALA C 168 -8.28 33.62 -0.90
CA ALA C 168 -8.52 34.89 -1.60
C ALA C 168 -9.34 35.82 -0.71
N VAL C 169 -10.38 35.25 -0.02
CA VAL C 169 -11.23 35.98 0.94
C VAL C 169 -10.34 36.58 2.05
N VAL C 170 -9.45 35.75 2.64
CA VAL C 170 -8.57 36.11 3.75
C VAL C 170 -7.63 37.26 3.36
N CYS C 171 -7.15 37.30 2.09
CA CYS C 171 -6.21 38.30 1.59
C CYS C 171 -6.87 39.54 0.98
N SER C 172 -8.18 39.46 0.70
CA SER C 172 -8.99 40.48 0.02
C SER C 172 -8.95 41.92 0.58
N THR C 173 -8.71 42.15 1.89
CA THR C 173 -8.74 43.53 2.41
C THR C 173 -7.38 44.15 2.70
N GLY C 174 -6.38 43.31 2.96
CA GLY C 174 -5.03 43.75 3.31
C GLY C 174 -4.85 43.97 4.82
N VAL C 175 -5.97 43.95 5.58
CA VAL C 175 -6.01 44.17 7.03
C VAL C 175 -5.20 43.07 7.74
N TYR C 176 -5.46 41.80 7.39
CA TYR C 176 -4.73 40.68 7.98
C TYR C 176 -3.21 40.80 7.75
N ALA C 177 -2.75 41.14 6.53
CA ALA C 177 -1.31 41.30 6.25
C ALA C 177 -0.69 42.45 7.04
N GLU C 178 -1.41 43.60 7.18
CA GLU C 178 -0.98 44.79 7.92
C GLU C 178 -0.75 44.48 9.40
N ALA C 179 -1.41 43.43 9.94
CA ALA C 179 -1.29 42.98 11.33
C ALA C 179 0.09 42.38 11.63
N PHE C 180 0.83 41.95 10.59
CA PHE C 180 2.17 41.36 10.73
C PHE C 180 3.23 42.41 10.65
N ALA C 181 4.40 42.11 11.26
CA ALA C 181 5.58 42.98 11.26
C ALA C 181 6.11 43.10 9.83
N GLU C 182 6.41 44.34 9.38
CA GLU C 182 6.89 44.68 8.05
C GLU C 182 8.03 43.76 7.62
N GLU C 183 9.03 43.57 8.51
CA GLU C 183 10.24 42.77 8.34
C GLU C 183 9.97 41.28 7.97
N THR C 184 8.96 40.66 8.61
CA THR C 184 8.65 39.25 8.41
C THR C 184 7.35 39.02 7.59
N ARG C 185 6.67 40.10 7.18
CA ARG C 185 5.39 40.06 6.48
C ARG C 185 5.35 39.12 5.27
N LYS C 186 6.29 39.30 4.31
CA LYS C 186 6.34 38.51 3.07
C LYS C 186 6.46 37.00 3.33
N LYS C 187 7.36 36.63 4.26
CA LYS C 187 7.66 35.25 4.68
C LYS C 187 6.43 34.58 5.33
N SER C 188 5.70 35.35 6.14
CA SER C 188 4.53 34.88 6.90
C SER C 188 3.30 34.70 6.01
N LYS C 190 3.37 34.18 2.77
CA LYS C 190 3.74 33.36 1.61
C LYS C 190 2.75 32.24 1.32
N TRP C 191 2.38 31.41 2.32
CA TRP C 191 1.47 30.30 2.06
C TRP C 191 0.14 30.80 1.50
N LEU C 192 -0.43 31.86 2.10
CA LEU C 192 -1.71 32.42 1.68
C LEU C 192 -1.57 33.05 0.28
N LYS C 193 -0.46 33.78 0.03
CA LYS C 193 -0.20 34.46 -1.23
C LYS C 193 -0.07 33.44 -2.39
N HIS C 195 -1.62 30.59 -2.56
CA HIS C 195 -2.96 30.03 -2.81
C HIS C 195 -4.02 31.05 -3.22
N ALA C 196 -3.81 32.37 -3.01
CA ALA C 196 -4.80 33.37 -3.46
C ALA C 196 -4.39 33.89 -4.86
N GLN C 197 -3.38 34.80 -4.92
CA GLN C 197 -2.76 35.41 -6.11
C GLN C 197 -3.80 35.88 -7.14
N ASP C 200 -7.04 30.61 -10.40
CA ASP C 200 -6.33 29.32 -10.17
C ASP C 200 -6.95 28.18 -10.98
N ALA C 201 -6.16 27.65 -11.92
CA ALA C 201 -6.56 26.62 -12.88
C ALA C 201 -6.42 25.19 -12.32
N HIS C 202 -5.62 25.01 -11.26
CA HIS C 202 -5.37 23.72 -10.61
C HIS C 202 -6.70 22.90 -10.42
N PRO C 203 -7.79 23.44 -9.79
CA PRO C 203 -9.01 22.63 -9.62
C PRO C 203 -9.69 22.24 -10.96
N TRP C 204 -9.65 23.17 -11.94
CA TRP C 204 -10.21 22.99 -13.29
C TRP C 204 -9.47 21.92 -14.10
N GLU C 205 -8.12 21.91 -13.99
CA GLU C 205 -7.24 20.93 -14.63
C GLU C 205 -7.55 19.58 -14.07
N ALA C 206 -7.85 19.53 -12.77
CA ALA C 206 -8.22 18.28 -12.07
C ALA C 206 -9.57 17.83 -12.54
N LEU C 207 -10.51 18.77 -12.76
CA LEU C 207 -11.83 18.42 -13.29
C LEU C 207 -11.71 17.79 -14.65
N GLU C 208 -10.90 18.41 -15.52
CA GLU C 208 -10.64 17.96 -16.88
C GLU C 208 -10.14 16.52 -16.87
N ILE C 209 -9.14 16.24 -16.02
CA ILE C 209 -8.60 14.89 -15.85
C ILE C 209 -9.73 13.91 -15.41
N ILE C 210 -10.54 14.29 -14.39
CA ILE C 210 -11.62 13.49 -13.82
C ILE C 210 -12.59 13.14 -14.92
N CYS C 211 -12.93 14.11 -15.76
CA CYS C 211 -13.89 13.99 -16.85
C CYS C 211 -13.35 13.16 -18.01
N THR C 212 -12.05 13.25 -18.31
CA THR C 212 -11.41 12.46 -19.36
C THR C 212 -11.32 11.01 -18.88
N LEU C 213 -11.14 10.80 -17.57
CA LEU C 213 -11.07 9.47 -16.94
C LEU C 213 -12.45 8.77 -16.94
N VAL C 214 -13.52 9.47 -16.49
CA VAL C 214 -14.87 8.88 -16.39
C VAL C 214 -15.67 8.91 -17.71
N GLY C 215 -15.38 9.85 -18.59
CA GLY C 215 -16.09 10.01 -19.84
C GLY C 215 -17.38 10.82 -19.73
N ASN C 216 -18.13 10.86 -20.84
CA ASN C 216 -19.39 11.62 -20.93
C ASN C 216 -20.58 10.88 -20.32
N LYS C 217 -20.55 9.53 -20.28
CA LYS C 217 -21.65 8.73 -19.79
C LYS C 217 -21.19 7.81 -18.66
N PRO C 218 -20.75 8.35 -17.49
CA PRO C 218 -20.32 7.45 -16.40
C PRO C 218 -21.53 6.82 -15.72
N SER C 219 -21.35 5.65 -15.10
CA SER C 219 -22.45 4.95 -14.41
C SER C 219 -23.04 5.82 -13.30
N LEU C 220 -24.29 5.58 -12.94
CA LEU C 220 -24.93 6.37 -11.90
C LEU C 220 -24.22 6.15 -10.57
N GLN C 221 -23.72 4.91 -10.36
CA GLN C 221 -22.95 4.53 -9.16
C GLN C 221 -21.65 5.36 -9.06
N LEU C 222 -20.91 5.49 -10.18
CA LEU C 222 -19.67 6.26 -10.24
C LEU C 222 -19.97 7.75 -10.00
N GLN C 223 -21.07 8.26 -10.57
CA GLN C 223 -21.50 9.66 -10.43
C GLN C 223 -21.77 9.96 -8.97
N ALA C 224 -22.50 9.05 -8.29
CA ALA C 224 -22.84 9.20 -6.88
C ALA C 224 -21.57 9.18 -6.03
N GLU C 225 -20.61 8.29 -6.37
CA GLU C 225 -19.31 8.15 -5.70
C GLU C 225 -18.51 9.43 -5.82
N LEU C 226 -18.51 10.05 -7.01
CA LEU C 226 -17.87 11.33 -7.28
C LEU C 226 -18.52 12.46 -6.47
N ARG C 227 -19.86 12.52 -6.46
CA ARG C 227 -20.63 13.53 -5.73
C ARG C 227 -20.35 13.40 -4.22
N GLN C 228 -20.44 12.19 -3.67
CA GLN C 228 -20.18 11.92 -2.26
C GLN C 228 -18.75 12.27 -1.86
N ALA C 229 -17.76 11.96 -2.71
CA ALA C 229 -16.35 12.25 -2.42
C ALA C 229 -16.12 13.77 -2.31
N VAL C 230 -16.66 14.56 -3.26
CA VAL C 230 -16.51 16.01 -3.30
C VAL C 230 -17.22 16.62 -2.08
N THR C 231 -18.46 16.17 -1.80
CA THR C 231 -19.24 16.64 -0.66
C THR C 231 -18.54 16.31 0.65
N LYS C 232 -18.00 15.08 0.81
CA LYS C 232 -17.28 14.65 2.02
C LYS C 232 -16.11 15.59 2.32
N SER C 233 -15.31 15.96 1.29
CA SER C 233 -14.19 16.89 1.45
C SER C 233 -14.67 18.25 1.94
N TYR C 234 -15.71 18.83 1.31
CA TYR C 234 -16.29 20.11 1.72
C TYR C 234 -16.88 20.02 3.12
N ASP C 235 -17.63 18.94 3.42
CA ASP C 235 -18.24 18.74 4.73
C ASP C 235 -17.21 18.62 5.86
N TYR C 236 -16.10 17.88 5.63
CA TYR C 236 -15.03 17.75 6.63
C TYR C 236 -14.35 19.07 6.84
N TYR C 238 -15.91 22.01 6.49
CA TYR C 238 -16.90 22.79 7.25
C TYR C 238 -16.88 22.40 8.75
N LEU C 239 -16.84 21.09 9.03
CA LEU C 239 -16.82 20.57 10.39
C LEU C 239 -15.54 21.00 11.14
N PHE C 240 -14.39 21.04 10.43
CA PHE C 240 -13.11 21.54 10.93
C PHE C 240 -13.27 22.98 11.34
N LEU C 241 -13.90 23.80 10.46
CA LEU C 241 -14.10 25.24 10.70
C LEU C 241 -15.01 25.46 11.88
N GLU C 242 -16.09 24.68 11.97
CA GLU C 242 -17.07 24.76 13.06
C GLU C 242 -16.44 24.39 14.38
N ARG C 243 -15.53 23.40 14.38
CA ARG C 243 -14.86 22.96 15.57
C ARG C 243 -13.90 24.05 16.08
N CYS C 244 -13.20 24.72 15.14
CA CYS C 244 -12.25 25.80 15.47
C CYS C 244 -12.95 27.00 16.09
N ILE C 245 -14.07 27.41 15.51
CA ILE C 245 -14.88 28.55 15.94
C ILE C 245 -15.61 28.27 17.27
N GLN C 246 -15.82 26.99 17.65
CA GLN C 246 -16.46 26.60 18.92
C GLN C 246 -15.55 27.00 20.13
N LEU C 247 -14.20 26.97 19.93
CA LEU C 247 -13.15 27.33 20.90
C LEU C 247 -13.08 28.86 21.12
N ASP D 4 26.15 7.88 15.37
CA ASP D 4 26.27 9.34 15.26
C ASP D 4 25.79 9.85 13.87
N THR D 5 25.47 11.15 13.81
CA THR D 5 24.92 11.86 12.65
C THR D 5 25.97 12.11 11.56
N PHE D 6 25.58 11.94 10.27
CA PHE D 6 26.48 12.19 9.13
C PHE D 6 26.19 13.55 8.50
N GLU D 7 27.26 14.27 8.23
CA GLU D 7 27.26 15.58 7.58
C GLU D 7 28.45 15.60 6.65
N ARG D 8 28.17 15.70 5.33
CA ARG D 8 29.22 15.69 4.31
C ARG D 8 30.07 16.94 4.40
N THR D 9 31.39 16.74 4.43
CA THR D 9 32.36 17.81 4.53
C THR D 9 33.08 17.97 3.18
N GLY D 10 33.61 16.85 2.65
CA GLY D 10 34.35 16.81 1.40
C GLY D 10 33.50 16.93 0.15
N PRO D 11 34.14 16.94 -1.03
CA PRO D 11 33.38 17.07 -2.30
C PRO D 11 32.40 15.92 -2.52
N LEU D 12 31.20 16.27 -3.05
CA LEU D 12 30.08 15.37 -3.29
C LEU D 12 30.43 14.12 -4.14
N GLU D 14 33.30 12.33 -4.43
CA GLU D 14 34.47 11.56 -3.96
C GLU D 14 34.03 10.59 -2.91
N ALA D 15 34.31 9.29 -3.11
CA ALA D 15 33.95 8.23 -2.14
C ALA D 15 34.48 8.55 -0.72
N SER D 16 35.68 9.17 -0.65
CA SER D 16 36.40 9.58 0.57
C SER D 16 35.60 10.56 1.47
N SER D 17 34.59 11.23 0.91
CA SER D 17 33.75 12.20 1.60
C SER D 17 32.61 11.53 2.40
N TYR D 18 32.44 10.21 2.25
CA TYR D 18 31.34 9.46 2.89
C TYR D 18 31.84 8.56 4.03
N PRO D 19 30.97 8.06 4.95
CA PRO D 19 31.50 7.24 6.05
C PRO D 19 32.21 5.99 5.55
N ALA D 20 33.14 5.48 6.34
CA ALA D 20 33.95 4.31 6.03
C ALA D 20 33.10 3.09 5.62
N TRP D 21 31.95 2.86 6.28
CA TRP D 21 31.09 1.74 5.93
C TRP D 21 30.56 1.88 4.48
N ALA D 22 30.27 3.13 4.05
CA ALA D 22 29.77 3.45 2.72
C ALA D 22 30.85 3.24 1.68
N GLN D 23 32.11 3.61 2.02
CA GLN D 23 33.24 3.42 1.13
C GLN D 23 33.45 1.91 0.93
N GLN D 24 33.33 1.12 2.03
CA GLN D 24 33.41 -0.33 2.03
C GLN D 24 32.32 -0.91 1.11
N LEU D 25 31.08 -0.40 1.23
CA LEU D 25 29.96 -0.82 0.39
C LEU D 25 30.26 -0.56 -1.09
N ILE D 26 30.80 0.61 -1.44
CA ILE D 26 31.15 0.95 -2.83
C ILE D 26 32.16 -0.07 -3.38
N ASN D 27 33.24 -0.39 -2.61
CA ASN D 27 34.26 -1.36 -3.01
C ASN D 27 33.68 -2.77 -3.15
N ASP D 28 32.82 -3.18 -2.20
CA ASP D 28 32.21 -4.52 -2.20
C ASP D 28 31.26 -4.72 -3.40
N CYS D 29 30.57 -3.67 -3.82
CA CYS D 29 29.61 -3.75 -4.91
C CYS D 29 30.22 -3.39 -6.27
N SER D 30 31.48 -2.90 -6.32
CA SER D 30 32.11 -2.48 -7.58
C SER D 30 32.21 -3.62 -8.60
N PRO D 31 32.58 -4.89 -8.26
CA PRO D 31 32.60 -5.94 -9.28
C PRO D 31 31.23 -6.20 -9.92
N ALA D 32 30.14 -6.16 -9.12
CA ALA D 32 28.76 -6.35 -9.59
C ALA D 32 28.33 -5.18 -10.52
N LYS D 33 28.76 -3.95 -10.22
CA LYS D 33 28.47 -2.79 -11.06
C LYS D 33 29.24 -2.94 -12.40
N ALA D 34 30.52 -3.36 -12.34
CA ALA D 34 31.41 -3.55 -13.51
C ALA D 34 30.85 -4.57 -14.50
N ARG D 35 30.28 -5.68 -14.00
CA ARG D 35 29.67 -6.73 -14.83
C ARG D 35 28.61 -6.16 -15.78
N VAL D 36 27.86 -5.15 -15.30
CA VAL D 36 26.79 -4.46 -16.00
C VAL D 36 27.37 -3.41 -16.96
N VAL D 37 28.15 -2.46 -16.44
CA VAL D 37 28.72 -1.33 -17.19
C VAL D 37 29.68 -1.81 -18.31
N GLU D 38 30.53 -2.78 -18.02
CA GLU D 38 31.50 -3.28 -18.99
C GLU D 38 30.92 -4.45 -19.83
N HIS D 39 29.58 -4.66 -19.78
CA HIS D 39 28.93 -5.77 -20.48
C HIS D 39 29.08 -5.65 -22.00
N GLU D 40 29.27 -6.82 -22.63
CA GLU D 40 29.44 -7.08 -24.07
C GLU D 40 28.31 -6.44 -24.89
N LEU D 41 27.05 -6.53 -24.40
CA LEU D 41 25.86 -5.97 -25.02
C LEU D 41 26.06 -4.49 -25.32
N TYR D 42 26.46 -3.67 -24.32
CA TYR D 42 26.66 -2.23 -24.49
C TYR D 42 27.82 -1.92 -25.42
N GLN D 43 28.87 -2.75 -25.40
CA GLN D 43 30.03 -2.59 -26.28
C GLN D 43 29.60 -2.80 -27.74
N GLN D 44 28.76 -3.82 -27.99
CA GLN D 44 28.21 -4.10 -29.33
C GLN D 44 27.26 -2.96 -29.80
N ARG D 46 27.21 0.23 -28.68
CA ARG D 46 28.09 1.39 -28.86
C ARG D 46 28.59 1.43 -30.32
N ASP D 47 29.09 0.30 -30.81
CA ASP D 47 29.68 0.13 -32.12
C ASP D 47 28.66 -0.19 -33.25
N ALA D 48 27.34 -0.06 -32.95
CA ALA D 48 26.24 -0.33 -33.88
C ALA D 48 26.37 -1.76 -34.50
N LYS D 49 26.80 -2.73 -33.67
CA LYS D 49 27.03 -4.11 -34.10
C LYS D 49 26.07 -5.08 -33.39
N LEU D 50 25.19 -4.55 -32.52
CA LEU D 50 24.26 -5.37 -31.74
C LEU D 50 23.09 -5.78 -32.59
N SER D 51 22.86 -7.11 -32.63
CA SER D 51 21.79 -7.75 -33.39
C SER D 51 20.43 -7.13 -33.08
N PRO D 52 19.63 -6.78 -34.12
CA PRO D 52 18.28 -6.26 -33.89
C PRO D 52 17.41 -7.20 -33.06
N GLN D 53 17.72 -8.52 -33.08
CA GLN D 53 17.02 -9.53 -32.27
C GLN D 53 17.23 -9.26 -30.75
N ILE D 54 18.50 -8.98 -30.36
CA ILE D 54 18.88 -8.68 -28.97
C ILE D 54 18.33 -7.30 -28.61
N ARG D 56 15.80 -5.72 -29.69
CA ARG D 56 14.34 -5.82 -29.52
C ARG D 56 14.01 -6.29 -28.12
N GLN D 57 14.63 -7.41 -27.66
CA GLN D 57 14.40 -7.96 -26.31
C GLN D 57 14.78 -6.93 -25.24
N TYR D 58 15.92 -6.22 -25.46
CA TYR D 58 16.44 -5.18 -24.60
C TYR D 58 15.41 -4.07 -24.40
N LEU D 59 14.94 -3.50 -25.52
CA LEU D 59 14.00 -2.38 -25.55
C LEU D 59 12.64 -2.75 -24.96
N ILE D 60 12.13 -3.97 -25.27
CA ILE D 60 10.85 -4.40 -24.71
C ILE D 60 11.01 -4.69 -23.20
N GLY D 61 11.96 -5.55 -22.84
CA GLY D 61 12.23 -5.93 -21.46
C GLY D 61 12.61 -4.79 -20.54
N GLY D 62 13.31 -3.81 -21.06
CA GLY D 62 13.74 -2.65 -20.30
C GLY D 62 12.63 -1.68 -19.92
N TRP D 63 11.51 -1.72 -20.70
CA TRP D 63 10.35 -0.84 -20.53
C TRP D 63 9.77 -0.83 -19.09
N PRO D 64 9.49 -1.99 -18.45
CA PRO D 64 8.86 -1.95 -17.12
C PRO D 64 9.56 -1.07 -16.05
N VAL D 65 10.90 -1.11 -15.96
CA VAL D 65 11.59 -0.26 -14.98
C VAL D 65 11.50 1.22 -15.42
N VAL D 66 11.60 1.47 -16.72
CA VAL D 66 11.53 2.82 -17.30
C VAL D 66 10.15 3.41 -17.05
N GLU D 67 9.10 2.67 -17.36
CA GLU D 67 7.74 3.10 -17.14
C GLU D 67 7.43 3.41 -15.64
N GLN D 68 7.88 2.54 -14.72
CA GLN D 68 7.52 2.68 -13.30
C GLN D 68 8.53 3.41 -12.42
N PHE D 69 9.60 3.96 -13.00
CA PHE D 69 10.59 4.63 -12.18
C PHE D 69 10.02 5.73 -11.26
N ALA D 70 9.18 6.62 -11.81
CA ALA D 70 8.60 7.66 -10.97
C ALA D 70 7.62 7.08 -9.92
N VAL D 71 6.99 5.91 -10.20
CA VAL D 71 6.09 5.22 -9.27
C VAL D 71 6.94 4.70 -8.09
N TYR D 72 8.17 4.17 -8.36
CA TYR D 72 9.08 3.71 -7.30
C TYR D 72 9.40 4.91 -6.39
N ALA D 74 7.66 7.77 -6.12
CA ALA D 74 6.43 8.19 -5.46
C ALA D 74 6.19 7.33 -4.23
N LYS D 75 6.42 6.00 -4.33
CA LYS D 75 6.28 5.07 -3.20
C LYS D 75 7.29 5.41 -2.08
N ASN D 76 8.53 5.77 -2.45
CA ASN D 76 9.53 6.12 -1.44
C ASN D 76 9.19 7.43 -0.77
N LEU D 77 8.59 8.37 -1.51
CA LEU D 77 8.19 9.68 -0.98
C LEU D 77 7.10 9.51 0.11
N THR D 78 6.22 8.52 -0.04
CA THR D 78 5.15 8.25 0.93
C THR D 78 5.75 7.78 2.28
N LYS D 79 7.02 7.37 2.30
CA LYS D 79 7.67 6.95 3.55
C LYS D 79 8.11 8.16 4.40
N THR D 80 8.33 9.32 3.76
CA THR D 80 8.84 10.52 4.40
C THR D 80 7.78 11.31 5.14
N ARG D 81 8.27 12.08 6.10
CA ARG D 81 7.56 13.02 6.96
C ARG D 81 8.44 14.24 7.14
N PHE D 82 7.81 15.39 7.28
CA PHE D 82 8.51 16.66 7.40
C PHE D 82 9.06 16.88 8.81
N GLY D 83 10.29 17.39 8.88
CA GLY D 83 10.98 17.77 10.11
C GLY D 83 11.18 16.66 11.13
N ARG D 84 11.15 15.40 10.67
CA ARG D 84 11.31 14.23 11.52
C ARG D 84 12.83 13.95 11.69
N HIS D 85 13.57 13.96 10.58
CA HIS D 85 15.01 13.66 10.53
C HIS D 85 15.65 14.45 9.39
N PRO D 86 16.93 14.92 9.53
CA PRO D 86 17.55 15.69 8.42
C PRO D 86 17.64 14.92 7.11
N GLY D 87 17.93 13.61 7.19
CA GLY D 87 18.02 12.71 6.05
C GLY D 87 16.70 12.58 5.30
N GLU D 88 15.61 12.52 6.09
CA GLU D 88 14.24 12.43 5.61
C GLU D 88 13.82 13.69 4.90
N ASP D 89 14.24 14.85 5.40
CA ASP D 89 13.91 16.13 4.79
C ASP D 89 14.64 16.26 3.47
N ALA D 91 15.60 13.65 1.50
CA ALA D 91 14.93 12.66 0.67
C ALA D 91 13.62 13.22 0.15
N ARG D 92 12.77 13.79 1.06
CA ARG D 92 11.49 14.43 0.72
CA ARG D 92 11.49 14.39 0.66
C ARG D 92 11.70 15.34 -0.51
N ARG D 93 12.50 16.43 -0.31
CA ARG D 93 12.84 17.45 -1.32
C ARG D 93 13.37 16.85 -2.60
N TRP D 94 14.34 15.94 -2.49
CA TRP D 94 15.04 15.38 -3.64
C TRP D 94 14.09 14.55 -4.50
N LEU D 95 13.24 13.71 -3.86
CA LEU D 95 12.30 12.87 -4.60
C LEU D 95 11.21 13.73 -5.24
N ARG D 97 11.58 16.85 -6.31
CA ARG D 97 12.25 17.49 -7.44
C ARG D 97 12.45 16.49 -8.61
N ASN D 98 12.98 15.29 -8.34
CA ASN D 98 13.36 14.31 -9.36
C ASN D 98 12.22 13.51 -9.96
N ILE D 99 11.03 13.47 -9.35
CA ILE D 99 9.85 12.84 -9.94
C ILE D 99 9.47 13.64 -11.21
N ARG D 100 9.54 15.00 -11.12
CA ARG D 100 9.26 15.96 -12.19
C ARG D 100 10.24 15.75 -13.34
N VAL D 101 11.52 15.44 -13.02
CA VAL D 101 12.59 15.22 -14.00
C VAL D 101 12.25 14.02 -14.93
N GLU D 102 11.62 12.98 -14.38
CA GLU D 102 11.27 11.75 -15.08
C GLU D 102 10.05 11.91 -16.01
N LEU D 103 9.43 13.10 -16.06
CA LEU D 103 8.20 13.41 -16.81
C LEU D 103 8.13 12.79 -18.22
N ASN D 104 9.09 13.11 -19.09
CA ASN D 104 9.06 12.65 -20.48
C ASN D 104 9.94 11.43 -20.74
N HIS D 105 10.50 10.81 -19.69
CA HIS D 105 11.44 9.71 -19.86
C HIS D 105 10.80 8.50 -20.53
N ALA D 106 9.55 8.19 -20.19
CA ALA D 106 8.83 7.08 -20.81
C ALA D 106 8.60 7.34 -22.30
N ASP D 107 8.25 8.59 -22.64
CA ASP D 107 8.01 9.02 -24.03
C ASP D 107 9.30 8.92 -24.85
N TYR D 108 10.45 9.22 -24.21
CA TYR D 108 11.77 9.11 -24.84
C TYR D 108 12.08 7.66 -25.14
N TRP D 109 11.75 6.74 -24.21
CA TRP D 109 11.96 5.30 -24.41
C TRP D 109 11.12 4.81 -25.58
N VAL D 110 9.86 5.24 -25.66
CA VAL D 110 8.94 4.87 -26.75
C VAL D 110 9.52 5.33 -28.10
N ASN D 111 10.20 6.49 -28.09
CA ASN D 111 10.80 7.09 -29.30
C ASN D 111 12.04 6.31 -29.73
N TRP D 112 12.83 5.87 -28.78
CA TRP D 112 14.02 5.04 -29.04
C TRP D 112 13.56 3.72 -29.64
N CYS D 113 12.49 3.13 -29.07
CA CYS D 113 11.87 1.90 -29.53
C CYS D 113 11.42 2.00 -30.96
N ALA D 114 10.76 3.12 -31.30
CA ALA D 114 10.22 3.39 -32.63
C ALA D 114 11.32 3.35 -33.71
N ALA D 115 12.54 3.81 -33.36
CA ALA D 115 13.70 3.78 -34.26
C ALA D 115 14.14 2.34 -34.56
N HIS D 116 13.70 1.35 -33.75
CA HIS D 116 14.02 -0.06 -33.91
C HIS D 116 12.77 -0.89 -34.24
N ASP D 117 11.68 -0.22 -34.65
CA ASP D 117 10.39 -0.80 -35.02
C ASP D 117 9.77 -1.65 -33.86
N VAL D 118 9.85 -1.09 -32.65
CA VAL D 118 9.23 -1.60 -31.43
C VAL D 118 8.12 -0.58 -31.09
N THR D 119 6.86 -1.01 -31.24
CA THR D 119 5.65 -0.21 -31.02
C THR D 119 5.29 -0.14 -29.54
N LEU D 120 4.41 0.80 -29.19
CA LEU D 120 3.94 0.92 -27.81
C LEU D 120 3.15 -0.36 -27.46
N GLU D 121 2.45 -0.93 -28.47
CA GLU D 121 1.70 -2.17 -28.33
C GLU D 121 2.66 -3.32 -27.92
N ASP D 122 3.89 -3.36 -28.49
CA ASP D 122 4.95 -4.34 -28.16
C ASP D 122 5.34 -4.20 -26.71
N LEU D 123 5.47 -2.96 -26.21
CA LEU D 123 5.79 -2.64 -24.82
C LEU D 123 4.67 -3.09 -23.88
N HIS D 124 3.39 -2.96 -24.30
CA HIS D 124 2.27 -3.43 -23.49
C HIS D 124 2.23 -4.95 -23.44
N ASP D 125 2.41 -5.62 -24.61
CA ASP D 125 2.32 -7.07 -24.78
C ASP D 125 3.38 -7.85 -24.02
N GLN D 126 4.59 -7.26 -23.85
CA GLN D 126 5.75 -7.81 -23.15
C GLN D 126 5.99 -9.30 -23.48
N ARG D 127 6.05 -9.62 -24.81
CA ARG D 127 6.29 -11.01 -25.28
C ARG D 127 7.79 -11.31 -25.20
N VAL D 128 8.35 -11.24 -24.00
CA VAL D 128 9.75 -11.51 -23.70
C VAL D 128 9.84 -12.52 -22.58
N ALA D 129 11.05 -13.02 -22.32
CA ALA D 129 11.32 -13.96 -21.24
C ALA D 129 10.99 -13.32 -19.87
N PRO D 130 10.20 -14.02 -19.00
CA PRO D 130 9.84 -13.47 -17.68
C PRO D 130 11.04 -13.03 -16.84
N GLU D 131 12.20 -13.68 -16.99
CA GLU D 131 13.49 -13.33 -16.36
C GLU D 131 13.76 -11.81 -16.43
N LEU D 132 13.44 -11.17 -17.59
CA LEU D 132 13.73 -9.76 -17.85
C LEU D 132 12.91 -8.81 -16.96
N HIS D 133 11.83 -9.31 -16.35
CA HIS D 133 10.99 -8.48 -15.50
C HIS D 133 11.41 -8.46 -14.04
N ALA D 134 12.37 -9.29 -13.64
CA ALA D 134 12.86 -9.44 -12.26
C ALA D 134 13.26 -8.11 -11.62
N LEU D 135 14.03 -7.25 -12.35
CA LEU D 135 14.45 -5.98 -11.80
C LEU D 135 13.25 -5.13 -11.39
N SER D 136 12.21 -5.04 -12.24
CA SER D 136 10.99 -4.27 -11.98
C SER D 136 10.24 -4.77 -10.72
N HIS D 137 10.13 -6.11 -10.54
CA HIS D 137 9.48 -6.72 -9.37
C HIS D 137 10.26 -6.41 -8.10
N TRP D 138 11.61 -6.41 -8.19
CA TRP D 138 12.48 -6.11 -7.08
C TRP D 138 12.31 -4.64 -6.71
N CYS D 139 12.31 -3.71 -7.71
CA CYS D 139 12.12 -2.29 -7.49
C CYS D 139 10.82 -2.03 -6.83
N TRP D 140 9.75 -2.73 -7.29
CA TRP D 140 8.45 -2.62 -6.67
C TRP D 140 8.50 -2.96 -5.18
N GLN D 141 8.97 -4.19 -4.84
CA GLN D 141 9.02 -4.66 -3.45
C GLN D 141 9.89 -3.74 -2.56
N THR D 142 11.06 -3.31 -3.04
CA THR D 142 11.91 -2.52 -2.16
C THR D 142 11.23 -1.17 -1.87
N SER D 143 10.78 -0.46 -2.91
CA SER D 143 10.12 0.83 -2.76
C SER D 143 8.77 0.71 -2.04
N SER D 144 8.20 -0.50 -1.97
CA SER D 144 6.98 -0.74 -1.22
C SER D 144 7.24 -0.98 0.26
N SER D 145 8.11 -1.92 0.59
CA SER D 145 8.29 -2.42 1.95
C SER D 145 9.66 -2.17 2.63
N ASP D 146 10.72 -1.81 1.90
CA ASP D 146 12.00 -1.61 2.61
C ASP D 146 12.10 -0.18 3.14
N SER D 147 13.07 0.06 4.05
CA SER D 147 13.31 1.37 4.61
C SER D 147 13.71 2.32 3.49
N LEU D 148 13.41 3.60 3.69
CA LEU D 148 13.67 4.67 2.72
C LEU D 148 15.14 4.58 2.17
N ALA D 149 16.12 4.40 3.05
CA ALA D 149 17.54 4.30 2.73
C ALA D 149 17.86 3.05 1.85
N VAL D 150 17.28 1.87 2.22
CA VAL D 150 17.54 0.61 1.53
C VAL D 150 16.97 0.72 0.12
N ALA D 151 15.71 1.19 0.05
CA ALA D 151 14.97 1.45 -1.17
C ALA D 151 15.70 2.45 -2.10
N ALA D 153 18.87 3.07 -2.08
CA ALA D 153 20.14 2.45 -2.43
C ALA D 153 19.97 1.54 -3.61
N ALA D 154 18.85 0.82 -3.62
CA ALA D 154 18.49 -0.13 -4.66
C ALA D 154 18.09 0.53 -5.96
N THR D 155 17.37 1.68 -5.89
CA THR D 155 16.84 2.33 -7.11
C THR D 155 17.62 3.56 -7.57
N ASN D 156 17.51 4.65 -6.81
CA ASN D 156 18.14 5.92 -7.15
C ASN D 156 19.68 5.82 -7.17
N TYR D 157 20.28 5.00 -6.32
CA TYR D 157 21.72 4.89 -6.31
C TYR D 157 22.19 3.82 -7.29
N ALA D 158 21.79 2.56 -7.09
CA ALA D 158 22.26 1.47 -7.93
C ALA D 158 21.81 1.57 -9.41
N ILE D 159 20.48 1.70 -9.69
CA ILE D 159 19.99 1.77 -11.07
C ILE D 159 20.50 3.02 -11.78
N GLU D 160 20.14 4.23 -11.30
CA GLU D 160 20.52 5.47 -11.97
C GLU D 160 22.06 5.63 -12.10
N GLY D 161 22.80 5.09 -11.12
CA GLY D 161 24.25 5.09 -11.13
C GLY D 161 24.83 4.29 -12.27
N ALA D 162 24.42 3.02 -12.36
CA ALA D 162 24.86 2.12 -13.43
C ALA D 162 24.38 2.62 -14.81
N THR D 163 23.12 3.09 -14.90
CA THR D 163 22.49 3.59 -16.13
C THR D 163 23.32 4.72 -16.75
N GLY D 164 23.77 5.67 -15.92
CA GLY D 164 24.61 6.78 -16.38
C GLY D 164 25.92 6.31 -16.96
N GLU D 165 26.51 5.28 -16.34
CA GLU D 165 27.79 4.74 -16.78
C GLU D 165 27.69 3.96 -18.10
N TRP D 166 26.68 3.07 -18.26
CA TRP D 166 26.55 2.28 -19.49
C TRP D 166 26.02 3.12 -20.64
N SER D 167 25.15 4.12 -20.38
CA SER D 167 24.63 4.98 -21.46
C SER D 167 25.76 5.85 -22.00
N ALA D 168 26.75 6.19 -21.16
CA ALA D 168 27.94 6.94 -21.56
C ALA D 168 28.78 6.07 -22.49
N VAL D 169 28.92 4.75 -22.15
CA VAL D 169 29.66 3.76 -22.96
C VAL D 169 29.03 3.68 -24.34
N VAL D 170 27.70 3.55 -24.41
CA VAL D 170 26.93 3.41 -25.64
C VAL D 170 27.08 4.66 -26.55
N CYS D 171 27.21 5.87 -25.96
CA CYS D 171 27.32 7.13 -26.69
C CYS D 171 28.79 7.58 -26.94
N SER D 172 29.76 6.90 -26.31
CA SER D 172 31.19 7.24 -26.33
C SER D 172 31.88 7.33 -27.72
N THR D 173 31.42 6.59 -28.75
CA THR D 173 32.09 6.64 -30.07
C THR D 173 31.34 7.47 -31.12
N GLY D 174 30.03 7.57 -30.97
CA GLY D 174 29.16 8.27 -31.91
C GLY D 174 28.70 7.39 -33.06
N VAL D 175 29.22 6.13 -33.13
CA VAL D 175 28.93 5.15 -34.18
C VAL D 175 27.44 4.77 -34.14
N TYR D 176 26.93 4.46 -32.94
CA TYR D 176 25.53 4.11 -32.77
C TYR D 176 24.60 5.23 -33.25
N ALA D 177 24.88 6.48 -32.87
CA ALA D 177 24.05 7.62 -33.25
C ALA D 177 24.09 7.85 -34.77
N GLU D 178 25.29 7.70 -35.42
CA GLU D 178 25.51 7.86 -36.87
C GLU D 178 24.67 6.85 -37.68
N ALA D 179 24.30 5.70 -37.08
CA ALA D 179 23.48 4.66 -37.69
C ALA D 179 22.01 5.12 -37.91
N PHE D 180 21.56 6.17 -37.19
CA PHE D 180 20.21 6.72 -37.34
C PHE D 180 20.21 7.87 -38.34
N ALA D 181 19.04 8.12 -38.98
CA ALA D 181 18.89 9.22 -39.95
C ALA D 181 19.05 10.57 -39.24
N GLU D 182 19.81 11.50 -39.85
CA GLU D 182 20.11 12.84 -39.34
C GLU D 182 18.86 13.57 -38.81
N GLU D 183 17.79 13.57 -39.62
CA GLU D 183 16.49 14.19 -39.39
C GLU D 183 15.81 13.71 -38.09
N THR D 184 15.86 12.39 -37.79
CA THR D 184 15.19 11.79 -36.63
C THR D 184 16.15 11.38 -35.49
N ARG D 185 17.46 11.63 -35.69
CA ARG D 185 18.54 11.26 -34.75
C ARG D 185 18.31 11.76 -33.33
N LYS D 186 18.08 13.06 -33.16
CA LYS D 186 17.86 13.72 -31.87
C LYS D 186 16.72 13.07 -31.08
N LYS D 187 15.56 12.83 -31.73
CA LYS D 187 14.36 12.21 -31.16
C LYS D 187 14.61 10.75 -30.67
N SER D 188 15.36 9.98 -31.47
CA SER D 188 15.66 8.58 -31.22
C SER D 188 16.71 8.40 -30.12
N LYS D 190 17.37 10.61 -27.75
CA LYS D 190 16.99 11.43 -26.61
C LYS D 190 17.12 10.71 -25.28
N TRP D 191 16.56 9.49 -25.15
CA TRP D 191 16.64 8.78 -23.88
C TRP D 191 18.08 8.54 -23.48
N LEU D 192 18.94 8.10 -24.42
CA LEU D 192 20.35 7.83 -24.14
C LEU D 192 21.11 9.13 -23.81
N LYS D 193 20.83 10.22 -24.56
CA LYS D 193 21.49 11.51 -24.31
C LYS D 193 21.16 12.04 -22.89
N HIS D 195 20.44 10.35 -20.12
CA HIS D 195 21.11 9.55 -19.10
C HIS D 195 22.66 9.62 -19.18
N ALA D 196 23.20 9.82 -20.41
CA ALA D 196 24.65 9.97 -20.61
C ALA D 196 25.15 11.40 -20.32
N GLN D 197 24.33 12.43 -20.64
CA GLN D 197 24.64 13.86 -20.45
C GLN D 197 23.86 14.50 -19.27
N TYR D 198 23.39 13.69 -18.31
CA TYR D 198 22.70 14.16 -17.12
C TYR D 198 23.69 14.20 -15.97
N ASP D 199 23.63 15.28 -15.13
CA ASP D 199 24.52 15.54 -13.99
C ASP D 199 25.03 14.25 -13.38
N ASP D 200 26.34 13.98 -13.55
CA ASP D 200 26.96 12.76 -13.05
C ASP D 200 26.92 12.74 -11.51
N ALA D 201 26.59 13.90 -10.91
CA ALA D 201 26.43 14.10 -9.48
C ALA D 201 25.23 13.29 -8.95
N HIS D 202 24.18 13.11 -9.78
CA HIS D 202 22.92 12.45 -9.47
C HIS D 202 23.05 11.27 -8.51
N PRO D 203 23.77 10.13 -8.78
CA PRO D 203 23.86 9.04 -7.78
C PRO D 203 24.61 9.42 -6.50
N TRP D 204 25.52 10.40 -6.58
CA TRP D 204 26.23 10.89 -5.40
C TRP D 204 25.28 11.67 -4.48
N GLU D 205 24.25 12.34 -5.05
CA GLU D 205 23.22 13.05 -4.27
C GLU D 205 22.40 12.04 -3.53
N ALA D 206 22.06 10.93 -4.23
CA ALA D 206 21.30 9.81 -3.68
C ALA D 206 22.09 9.21 -2.52
N LEU D 207 23.39 8.86 -2.73
CA LEU D 207 24.28 8.30 -1.71
C LEU D 207 24.37 9.23 -0.49
N GLU D 208 24.51 10.55 -0.71
CA GLU D 208 24.55 11.53 0.37
C GLU D 208 23.28 11.41 1.28
N ILE D 209 22.10 11.30 0.65
CA ILE D 209 20.83 11.17 1.36
C ILE D 209 20.83 9.87 2.17
N ILE D 210 21.22 8.74 1.54
CA ILE D 210 21.28 7.40 2.17
C ILE D 210 22.15 7.46 3.43
N CYS D 211 23.35 8.03 3.32
CA CYS D 211 24.28 8.16 4.45
C CYS D 211 23.72 9.07 5.55
N THR D 212 23.08 10.19 5.19
CA THR D 212 22.46 11.08 6.17
C THR D 212 21.31 10.33 6.92
N LEU D 213 20.58 9.45 6.20
CA LEU D 213 19.53 8.64 6.79
C LEU D 213 20.08 7.57 7.73
N VAL D 214 21.10 6.78 7.31
CA VAL D 214 21.65 5.70 8.15
C VAL D 214 22.62 6.19 9.25
N GLY D 215 23.39 7.25 8.99
CA GLY D 215 24.41 7.78 9.90
C GLY D 215 25.79 7.17 9.75
N ASN D 216 26.72 7.54 10.62
CA ASN D 216 28.11 7.10 10.59
C ASN D 216 28.33 5.71 11.18
N LYS D 217 27.47 5.27 12.10
CA LYS D 217 27.66 4.00 12.79
C LYS D 217 26.44 3.07 12.62
N PRO D 218 26.06 2.65 11.39
CA PRO D 218 24.92 1.74 11.27
C PRO D 218 25.29 0.32 11.70
N SER D 219 24.28 -0.47 12.14
CA SER D 219 24.46 -1.86 12.56
C SER D 219 24.99 -2.70 11.42
N LEU D 220 25.67 -3.80 11.74
CA LEU D 220 26.20 -4.68 10.69
C LEU D 220 25.08 -5.29 9.87
N GLN D 221 23.91 -5.54 10.52
CA GLN D 221 22.73 -6.08 9.88
C GLN D 221 22.18 -5.08 8.82
N LEU D 222 22.11 -3.77 9.17
CA LEU D 222 21.67 -2.72 8.25
C LEU D 222 22.65 -2.56 7.09
N GLN D 223 23.98 -2.68 7.39
CA GLN D 223 25.06 -2.58 6.38
C GLN D 223 24.91 -3.68 5.38
N ALA D 224 24.67 -4.91 5.86
CA ALA D 224 24.47 -6.09 5.01
C ALA D 224 23.23 -5.92 4.14
N GLU D 225 22.15 -5.36 4.71
CA GLU D 225 20.89 -5.11 4.01
C GLU D 225 21.13 -4.12 2.86
N LEU D 226 21.90 -3.07 3.13
CA LEU D 226 22.26 -2.04 2.14
C LEU D 226 23.12 -2.65 1.02
N ARG D 227 24.14 -3.46 1.40
CA ARG D 227 25.04 -4.15 0.46
C ARG D 227 24.23 -5.11 -0.41
N GLN D 228 23.36 -5.94 0.18
CA GLN D 228 22.53 -6.90 -0.55
C GLN D 228 21.55 -6.22 -1.50
N ALA D 229 20.96 -5.09 -1.09
CA ALA D 229 20.01 -4.36 -1.93
C ALA D 229 20.70 -3.79 -3.19
N VAL D 230 21.87 -3.19 -3.02
CA VAL D 230 22.65 -2.62 -4.12
C VAL D 230 23.11 -3.74 -5.06
N THR D 231 23.64 -4.83 -4.49
CA THR D 231 24.13 -5.98 -5.26
C THR D 231 22.99 -6.63 -6.02
N LYS D 232 21.81 -6.82 -5.38
CA LYS D 232 20.62 -7.40 -6.03
C LYS D 232 20.25 -6.62 -7.28
N SER D 233 20.23 -5.27 -7.20
CA SER D 233 19.92 -4.41 -8.34
C SER D 233 20.92 -4.62 -9.48
N TYR D 234 22.23 -4.61 -9.19
CA TYR D 234 23.29 -4.84 -10.18
C TYR D 234 23.21 -6.25 -10.76
N ASP D 235 23.01 -7.26 -9.92
CA ASP D 235 22.90 -8.65 -10.34
C ASP D 235 21.68 -8.87 -11.26
N TYR D 236 20.50 -8.28 -10.94
CA TYR D 236 19.31 -8.42 -11.79
C TYR D 236 19.53 -7.75 -13.12
N TYR D 238 22.58 -7.50 -14.54
CA TYR D 238 23.51 -8.38 -15.22
C TYR D 238 22.76 -9.59 -15.83
N LEU D 239 21.86 -10.20 -15.03
CA LEU D 239 21.08 -11.35 -15.48
C LEU D 239 20.18 -10.98 -16.67
N PHE D 240 19.63 -9.76 -16.68
CA PHE D 240 18.81 -9.24 -17.77
C PHE D 240 19.68 -9.16 -19.05
N LEU D 241 20.91 -8.64 -18.91
CA LEU D 241 21.84 -8.48 -20.02
C LEU D 241 22.24 -9.84 -20.57
N GLU D 242 22.52 -10.78 -19.67
CA GLU D 242 22.90 -12.15 -20.03
C GLU D 242 21.77 -12.88 -20.76
N ARG D 243 20.53 -12.62 -20.35
CA ARG D 243 19.37 -13.25 -20.94
C ARG D 243 19.16 -12.72 -22.36
N CYS D 244 19.28 -11.41 -22.57
CA CYS D 244 19.14 -10.79 -23.89
C CYS D 244 20.19 -11.32 -24.89
N ILE D 245 21.48 -11.37 -24.46
CA ILE D 245 22.62 -11.81 -25.25
C ILE D 245 22.51 -13.30 -25.60
N GLN D 246 21.76 -14.11 -24.79
CA GLN D 246 21.57 -15.57 -25.03
C GLN D 246 20.79 -15.84 -26.35
N LEU D 247 19.86 -14.96 -26.75
CA LEU D 247 19.05 -15.04 -27.98
C LEU D 247 19.92 -15.13 -29.25
#